data_4PPM
#
_entry.id   4PPM
#
_cell.length_a   228.100
_cell.length_b   228.100
_cell.length_c   67.100
_cell.angle_alpha   90.00
_cell.angle_beta   90.00
_cell.angle_gamma   120.00
#
_symmetry.space_group_name_H-M   'P 3 2 1'
#
loop_
_entity.id
_entity.type
_entity.pdbx_description
1 polymer Aminotransferase
2 non-polymer 'MAGNESIUM ION'
3 non-polymer "PYRIDOXAL-5'-PHOSPHATE"
4 water water
#
_entity_poly.entity_id   1
_entity_poly.type   'polypeptide(L)'
_entity_poly.pdbx_seq_one_letter_code
;MKFGFIAHPTSLGLKRYVKMLDLLQRNSTEQHSGYTRELWERQNLVPFMNFARITSATGATCEGVIKYMPLVADEMLADA
RGIAARVVQGIEELAGDGAELVGLGGFTSIVGRRGEATAEKSPVPVTSGNSLTTYAGYKALMQIQSWLEIRPEEEPVAIV
GYPGSICLALSRLLLAHGFSLHLLHRAGNHDRSELLSHLPEEYHSRVTLTSDPEDLYPRCKLFAAATSAGGVIDPARLQP
GSIFIDVALPRDIASETRPARDDILIIDGGCVTATDAVKLGGESLNVTIKQQLNGCMAETIVLALENRRENFSLGRYLAP
EKVLEIGEIAERHGFFAYPLASYGERIDRQSVTNLKRYYHHDIYAGESADAALPASRLAFIDAVIAQTPAREDTLDRYHQ
YINPMMVDFLKLQRCDNVFRSAAGTQLYDDAGEAFLDMVAGYGCLNLGHNPQPVVNALKNYLDAQGPNFIQYISIPEQTA
KLAEVLCRLAPGNMGRVFFSNSGTEAVEAAMKIAKASTGKPGIAYLRNSYHGKTLGALSITGRDKHRRYFTPLLDAMVEV
PFGDLAALREALNREDVGALMIEPIQGEGGVHIPPAGYLQAVQQLCRETGVLLMVDEVQTGLGRTGKLFACEWDGIEPDV
LMLSKSLSGGLIPIGATLCRADLWQKAYGTADRFLVHSSTYGGGNLASVVALSALREILAQDLVGHAERMGAYFKQALSE
IAARYPFVSEVRGRGLMLGIQFDQAFTGAVNASAREFATRLPGDWHTTWKFLPDPVQAHLRAAMDRMEQALGEMFCMKFV
TKLCQDHKILTFITANSSTVIRIQPPLIISKAEIDRFVGAFATVCEELSTFLDLEHHHHHH
;
_entity_poly.pdbx_strand_id   A,B
#
# COMPACT_ATOMS: atom_id res chain seq x y z
N ALA A 372 1.21 -43.29 -0.72
CA ALA A 372 1.84 -42.78 0.51
C ALA A 372 3.03 -41.83 0.19
N LEU A 373 3.44 -41.75 -1.07
CA LEU A 373 4.54 -40.87 -1.47
C LEU A 373 4.08 -39.45 -1.71
N PRO A 374 4.99 -38.45 -1.30
CA PRO A 374 4.45 -37.08 -1.42
C PRO A 374 4.32 -36.48 -2.81
N ALA A 375 3.33 -35.60 -2.98
CA ALA A 375 3.12 -34.85 -4.20
C ALA A 375 4.25 -33.90 -4.45
N SER A 376 4.38 -33.42 -5.68
CA SER A 376 5.36 -32.39 -5.96
C SER A 376 4.78 -31.05 -5.54
N ARG A 377 5.57 -29.99 -5.62
CA ARG A 377 5.08 -28.70 -5.27
C ARG A 377 3.95 -28.32 -6.17
N LEU A 378 4.19 -28.40 -7.46
CA LEU A 378 3.21 -27.98 -8.41
C LEU A 378 1.86 -28.70 -8.27
N ALA A 379 1.87 -29.97 -7.92
CA ALA A 379 0.67 -30.75 -7.91
C ALA A 379 -0.11 -30.38 -6.71
N PHE A 380 0.59 -30.04 -5.66
CA PHE A 380 0.01 -29.54 -4.45
C PHE A 380 -0.70 -28.20 -4.73
N ILE A 381 -0.02 -27.31 -5.40
CA ILE A 381 -0.57 -26.03 -5.73
C ILE A 381 -1.73 -26.15 -6.68
N ASP A 382 -1.60 -27.02 -7.66
CA ASP A 382 -2.64 -27.20 -8.61
C ASP A 382 -3.89 -27.68 -7.90
N ALA A 383 -3.73 -28.58 -6.97
CA ALA A 383 -4.83 -29.13 -6.25
C ALA A 383 -5.48 -28.13 -5.29
N VAL A 384 -4.70 -27.22 -4.77
CA VAL A 384 -5.26 -26.14 -3.98
C VAL A 384 -6.07 -25.10 -4.77
N ILE A 385 -5.55 -24.64 -5.87
CA ILE A 385 -6.18 -23.64 -6.67
C ILE A 385 -7.44 -24.17 -7.28
N ALA A 386 -7.44 -25.41 -7.68
CA ALA A 386 -8.52 -25.95 -8.43
C ALA A 386 -9.66 -26.37 -7.57
N GLN A 387 -9.39 -26.63 -6.31
CA GLN A 387 -10.42 -27.09 -5.43
C GLN A 387 -11.35 -25.94 -4.99
N THR A 388 -12.64 -26.19 -5.02
CA THR A 388 -13.62 -25.37 -4.35
C THR A 388 -13.78 -26.01 -3.02
N PRO A 389 -13.21 -25.43 -1.99
CA PRO A 389 -13.14 -26.16 -0.75
C PRO A 389 -14.38 -26.02 0.10
N ALA A 390 -14.63 -27.06 0.86
CA ALA A 390 -15.60 -27.06 1.93
C ALA A 390 -15.42 -25.87 2.86
N ARG A 391 -16.49 -25.28 3.35
CA ARG A 391 -16.36 -24.15 4.27
C ARG A 391 -15.54 -24.47 5.51
N GLU A 392 -15.71 -25.64 6.10
CA GLU A 392 -14.93 -26.03 7.27
C GLU A 392 -13.45 -26.04 6.99
N ASP A 393 -13.06 -26.53 5.83
CA ASP A 393 -11.68 -26.61 5.49
C ASP A 393 -11.09 -25.23 5.28
N THR A 394 -11.89 -24.30 4.80
CA THR A 394 -11.50 -22.92 4.62
C THR A 394 -11.37 -22.26 5.98
N LEU A 395 -12.34 -22.48 6.84
CA LEU A 395 -12.24 -22.05 8.21
C LEU A 395 -11.02 -22.64 8.92
N ASP A 396 -10.74 -23.91 8.75
CA ASP A 396 -9.53 -24.50 9.29
C ASP A 396 -8.27 -23.79 8.78
N ARG A 397 -8.21 -23.53 7.49
CA ARG A 397 -7.05 -22.94 6.85
C ARG A 397 -6.71 -21.54 7.29
N TYR A 398 -7.69 -20.67 7.37
CA TYR A 398 -7.54 -19.32 7.89
C TYR A 398 -7.02 -19.40 9.29
N HIS A 399 -7.65 -20.24 10.08
CA HIS A 399 -7.39 -20.37 11.46
C HIS A 399 -5.92 -20.75 11.65
N GLN A 400 -5.44 -21.63 10.82
CA GLN A 400 -4.10 -22.07 10.91
C GLN A 400 -3.11 -21.05 10.44
N TYR A 401 -3.36 -20.46 9.30
CA TYR A 401 -2.39 -19.68 8.61
C TYR A 401 -2.60 -18.16 8.53
N ILE A 402 -3.74 -17.66 8.96
CA ILE A 402 -3.95 -16.21 8.94
C ILE A 402 -4.19 -15.57 10.31
N ASN A 403 -5.32 -15.84 10.92
CA ASN A 403 -5.74 -15.21 12.16
C ASN A 403 -6.70 -16.10 12.87
N PRO A 404 -6.10 -16.92 13.85
CA PRO A 404 -7.07 -17.75 14.58
C PRO A 404 -8.09 -17.03 15.48
N MET A 405 -7.76 -15.88 16.04
CA MET A 405 -8.69 -15.12 16.81
C MET A 405 -9.83 -14.58 15.98
N MET A 406 -9.56 -14.14 14.77
CA MET A 406 -10.61 -13.64 13.92
C MET A 406 -11.64 -14.72 13.67
N VAL A 407 -11.18 -15.93 13.45
CA VAL A 407 -12.07 -17.01 13.18
C VAL A 407 -12.93 -17.25 14.38
N ASP A 408 -12.31 -17.42 15.53
CA ASP A 408 -13.03 -17.69 16.76
C ASP A 408 -14.02 -16.63 17.12
N PHE A 409 -13.70 -15.39 16.84
CA PHE A 409 -14.60 -14.28 16.99
C PHE A 409 -15.89 -14.33 16.12
N LEU A 410 -15.76 -14.38 14.81
CA LEU A 410 -16.90 -14.59 13.93
C LEU A 410 -17.71 -15.82 14.29
N LYS A 411 -17.12 -16.93 14.71
CA LYS A 411 -17.84 -18.10 15.11
C LYS A 411 -18.61 -17.82 16.36
N LEU A 412 -18.00 -16.91 17.17
CA LEU A 412 -18.60 -16.58 18.42
C LEU A 412 -19.73 -15.66 18.19
N GLN A 413 -19.59 -14.74 17.25
CA GLN A 413 -20.69 -13.85 16.95
C GLN A 413 -21.67 -14.48 15.98
N ARG A 414 -21.46 -15.75 15.66
CA ARG A 414 -22.28 -16.53 14.77
C ARG A 414 -22.44 -15.97 13.36
N CYS A 415 -21.34 -15.41 12.89
CA CYS A 415 -21.22 -14.85 11.58
C CYS A 415 -19.91 -15.26 10.94
N ASP A 416 -19.66 -16.55 10.93
CA ASP A 416 -18.47 -17.08 10.30
C ASP A 416 -18.79 -17.53 8.88
N ASN A 417 -19.04 -16.56 8.04
CA ASN A 417 -19.40 -16.83 6.66
C ASN A 417 -18.22 -16.99 5.69
N VAL A 418 -18.36 -17.94 4.79
CA VAL A 418 -17.51 -18.04 3.64
C VAL A 418 -18.29 -17.67 2.36
N PHE A 419 -17.98 -16.53 1.78
CA PHE A 419 -18.69 -16.06 0.60
C PHE A 419 -18.11 -16.60 -0.72
N ARG A 420 -18.98 -17.07 -1.58
CA ARG A 420 -18.59 -17.79 -2.75
C ARG A 420 -18.80 -16.90 -3.96
N SER A 421 -19.79 -16.04 -3.90
CA SER A 421 -19.99 -15.05 -4.92
C SER A 421 -20.63 -13.79 -4.42
N ALA A 422 -20.54 -12.76 -5.22
CA ALA A 422 -21.01 -11.44 -4.87
C ALA A 422 -21.47 -10.69 -6.06
N ALA A 423 -22.56 -9.98 -5.90
CA ALA A 423 -23.10 -9.11 -6.90
C ALA A 423 -24.00 -8.04 -6.35
N GLY A 424 -23.66 -6.83 -6.68
CA GLY A 424 -24.33 -5.66 -6.24
C GLY A 424 -24.32 -5.56 -4.75
N THR A 425 -25.49 -5.59 -4.17
CA THR A 425 -25.65 -5.48 -2.76
C THR A 425 -25.60 -6.82 -2.03
N GLN A 426 -25.45 -7.91 -2.76
CA GLN A 426 -25.49 -9.24 -2.14
C GLN A 426 -24.19 -10.04 -2.06
N LEU A 427 -24.02 -10.73 -0.97
CA LEU A 427 -22.97 -11.69 -0.83
C LEU A 427 -23.61 -13.06 -0.74
N TYR A 428 -23.07 -14.03 -1.45
CA TYR A 428 -23.65 -15.35 -1.48
C TYR A 428 -22.71 -16.35 -0.79
N ASP A 429 -23.20 -17.10 0.17
CA ASP A 429 -22.33 -18.07 0.80
C ASP A 429 -22.12 -19.34 0.00
N ASP A 430 -21.56 -20.34 0.64
CA ASP A 430 -21.24 -21.64 0.04
C ASP A 430 -22.45 -22.52 -0.10
N ALA A 431 -23.53 -22.17 0.55
CA ALA A 431 -24.79 -22.83 0.32
C ALA A 431 -25.65 -22.03 -0.61
N GLY A 432 -25.12 -20.94 -1.15
CA GLY A 432 -25.88 -20.05 -2.01
C GLY A 432 -26.81 -19.03 -1.38
N GLU A 433 -26.88 -18.93 -0.07
CA GLU A 433 -27.75 -18.01 0.63
C GLU A 433 -27.25 -16.60 0.53
N ALA A 434 -28.16 -15.67 0.43
CA ALA A 434 -27.85 -14.27 0.29
C ALA A 434 -27.82 -13.42 1.55
N PHE A 435 -26.89 -12.49 1.57
CA PHE A 435 -26.71 -11.55 2.64
C PHE A 435 -26.67 -10.15 2.11
N LEU A 436 -27.29 -9.26 2.84
CA LEU A 436 -27.32 -7.88 2.53
C LEU A 436 -26.14 -7.19 3.22
N ASP A 437 -25.30 -6.57 2.43
CA ASP A 437 -24.01 -6.04 2.81
C ASP A 437 -24.02 -4.54 3.11
N MET A 438 -24.06 -4.20 4.37
CA MET A 438 -24.03 -2.81 4.80
C MET A 438 -22.65 -2.33 5.20
N VAL A 439 -21.69 -3.22 5.19
CA VAL A 439 -20.31 -2.88 5.44
C VAL A 439 -19.67 -2.41 4.17
N ALA A 440 -19.91 -3.15 3.10
CA ALA A 440 -19.41 -2.81 1.81
C ALA A 440 -17.92 -2.70 1.83
N GLY A 441 -17.27 -3.65 2.44
CA GLY A 441 -15.84 -3.60 2.59
C GLY A 441 -15.28 -2.37 3.27
N TYR A 442 -15.96 -1.85 4.27
CA TYR A 442 -15.51 -0.70 5.02
C TYR A 442 -15.37 0.53 4.19
N GLY A 443 -15.90 0.48 3.00
CA GLY A 443 -16.16 1.66 2.25
C GLY A 443 -15.60 1.68 0.88
N CYS A 444 -15.08 0.57 0.41
CA CYS A 444 -14.46 0.49 -0.89
C CYS A 444 -15.36 -0.06 -1.97
N LEU A 445 -16.63 -0.26 -1.63
CA LEU A 445 -17.64 -0.81 -2.48
C LEU A 445 -18.87 0.10 -2.60
N ASN A 446 -18.66 1.31 -3.08
CA ASN A 446 -19.74 2.24 -3.37
C ASN A 446 -20.62 1.77 -4.56
N LEU A 447 -20.02 1.02 -5.48
CA LEU A 447 -20.70 0.50 -6.62
C LEU A 447 -21.21 -0.91 -6.43
N GLY A 448 -21.09 -1.44 -5.23
CA GLY A 448 -21.46 -2.79 -4.96
C GLY A 448 -20.48 -3.82 -5.45
N HIS A 449 -20.80 -5.06 -5.19
CA HIS A 449 -19.95 -6.14 -5.60
C HIS A 449 -20.01 -6.36 -7.10
N ASN A 450 -18.87 -6.61 -7.68
CA ASN A 450 -18.66 -6.88 -9.07
C ASN A 450 -19.46 -6.00 -10.03
N PRO A 451 -19.10 -4.65 -10.05
CA PRO A 451 -19.84 -3.85 -11.04
C PRO A 451 -19.36 -4.06 -12.48
N GLN A 452 -20.29 -4.44 -13.34
CA GLN A 452 -20.06 -4.95 -14.68
C GLN A 452 -19.28 -4.01 -15.62
N PRO A 453 -19.64 -2.75 -15.72
CA PRO A 453 -18.83 -1.81 -16.48
C PRO A 453 -17.42 -1.65 -15.98
N VAL A 454 -17.14 -1.85 -14.71
CA VAL A 454 -15.80 -1.71 -14.22
C VAL A 454 -15.05 -2.95 -14.53
N VAL A 455 -15.78 -4.04 -14.38
CA VAL A 455 -15.32 -5.34 -14.69
C VAL A 455 -14.91 -5.43 -16.16
N ASN A 456 -15.74 -4.88 -17.04
CA ASN A 456 -15.56 -4.87 -18.48
C ASN A 456 -14.39 -4.00 -18.89
N ALA A 457 -14.28 -2.85 -18.28
CA ALA A 457 -13.15 -2.00 -18.46
C ALA A 457 -11.85 -2.69 -18.16
N LEU A 458 -11.81 -3.49 -17.12
CA LEU A 458 -10.63 -4.19 -16.70
C LEU A 458 -10.29 -5.30 -17.67
N LYS A 459 -11.25 -6.16 -17.91
CA LYS A 459 -11.11 -7.24 -18.87
C LYS A 459 -10.63 -6.79 -20.23
N ASN A 460 -11.18 -5.71 -20.74
CA ASN A 460 -10.86 -5.21 -22.06
C ASN A 460 -9.47 -4.68 -22.14
N TYR A 461 -9.04 -3.97 -21.13
CA TYR A 461 -7.70 -3.48 -21.07
C TYR A 461 -6.69 -4.63 -21.16
N LEU A 462 -6.92 -5.69 -20.41
CA LEU A 462 -6.08 -6.82 -20.45
C LEU A 462 -6.11 -7.52 -21.81
N ASP A 463 -7.27 -7.59 -22.42
CA ASP A 463 -7.36 -8.22 -23.71
C ASP A 463 -6.57 -7.42 -24.73
N ALA A 464 -6.54 -6.12 -24.55
CA ALA A 464 -5.75 -5.29 -25.41
C ALA A 464 -4.30 -5.31 -25.02
N GLN A 465 -3.93 -6.09 -24.04
CA GLN A 465 -2.57 -6.25 -23.65
C GLN A 465 -1.98 -4.91 -23.34
N GLY A 466 -2.78 -4.09 -22.71
CA GLY A 466 -2.34 -2.83 -22.18
C GLY A 466 -1.20 -2.98 -21.22
N PRO A 467 -0.23 -1.98 -21.33
CA PRO A 467 0.86 -2.09 -20.34
C PRO A 467 0.44 -1.67 -18.93
N ASN A 468 1.00 -2.28 -17.93
CA ASN A 468 0.58 -2.00 -16.57
C ASN A 468 1.54 -1.19 -15.74
N PHE A 469 2.54 -1.86 -15.20
CA PHE A 469 3.44 -1.34 -14.20
C PHE A 469 4.67 -0.73 -14.84
N ILE A 470 4.48 0.23 -15.69
CA ILE A 470 5.53 0.78 -16.47
C ILE A 470 5.68 2.25 -16.21
N GLN A 471 5.11 2.73 -15.14
CA GLN A 471 4.97 4.13 -14.91
C GLN A 471 6.23 4.87 -14.47
N TYR A 472 7.29 4.15 -14.21
CA TYR A 472 8.55 4.76 -13.92
C TYR A 472 9.59 4.44 -14.91
N ILE A 473 9.20 3.95 -16.05
CA ILE A 473 10.15 3.67 -17.09
C ILE A 473 9.65 4.24 -18.41
N SER A 474 8.53 4.92 -18.37
CA SER A 474 7.88 5.45 -19.52
C SER A 474 6.78 6.32 -19.01
N ILE A 475 6.04 6.96 -19.89
CA ILE A 475 4.90 7.74 -19.48
C ILE A 475 3.60 6.97 -19.56
N PRO A 476 2.96 6.82 -18.32
CA PRO A 476 1.79 5.96 -18.37
C PRO A 476 0.56 6.67 -18.93
N GLU A 477 0.08 6.19 -20.06
CA GLU A 477 -1.06 6.77 -20.74
C GLU A 477 -2.36 6.86 -19.93
N GLN A 478 -2.80 5.78 -19.34
CA GLN A 478 -4.04 5.81 -18.56
C GLN A 478 -3.98 6.55 -17.23
N THR A 479 -2.86 6.49 -16.58
CA THR A 479 -2.68 7.18 -15.33
C THR A 479 -2.69 8.67 -15.58
N ALA A 480 -2.12 9.12 -16.67
CA ALA A 480 -2.22 10.50 -17.10
C ALA A 480 -3.65 10.97 -17.25
N LYS A 481 -4.46 10.26 -17.98
CA LYS A 481 -5.92 10.42 -18.01
C LYS A 481 -6.60 10.62 -16.66
N LEU A 482 -6.35 9.76 -15.68
CA LEU A 482 -6.96 9.84 -14.39
C LEU A 482 -6.53 11.02 -13.58
N ALA A 483 -5.30 11.41 -13.78
CA ALA A 483 -4.73 12.53 -13.08
C ALA A 483 -5.39 13.83 -13.52
N GLU A 484 -5.52 13.97 -14.83
CA GLU A 484 -6.25 15.06 -15.41
C GLU A 484 -7.66 15.07 -14.88
N VAL A 485 -8.35 13.95 -14.94
CA VAL A 485 -9.71 13.88 -14.45
C VAL A 485 -9.87 14.24 -12.97
N LEU A 486 -9.04 13.69 -12.11
CA LEU A 486 -9.18 13.90 -10.71
C LEU A 486 -8.99 15.36 -10.32
N CYS A 487 -7.97 15.98 -10.85
CA CYS A 487 -7.67 17.36 -10.57
C CYS A 487 -8.82 18.28 -10.96
N ARG A 488 -9.37 18.09 -12.15
CA ARG A 488 -10.46 18.90 -12.65
C ARG A 488 -11.78 18.69 -11.94
N LEU A 489 -11.93 17.56 -11.30
CA LEU A 489 -13.06 17.31 -10.49
C LEU A 489 -12.80 17.66 -9.06
N ALA A 490 -11.56 17.66 -8.63
CA ALA A 490 -11.27 17.96 -7.23
C ALA A 490 -11.65 19.35 -6.81
N PRO A 491 -11.89 19.50 -5.44
CA PRO A 491 -12.11 20.90 -5.03
C PRO A 491 -10.76 21.55 -4.77
N GLY A 492 -10.74 22.86 -4.61
CA GLY A 492 -9.49 23.59 -4.55
C GLY A 492 -8.88 23.78 -5.92
N ASN A 493 -7.59 23.97 -5.97
CA ASN A 493 -6.87 24.11 -7.21
C ASN A 493 -5.78 23.07 -7.31
N MET A 494 -6.18 21.82 -7.38
CA MET A 494 -5.26 20.72 -7.52
C MET A 494 -4.67 20.70 -8.90
N GLY A 495 -3.37 20.50 -8.96
CA GLY A 495 -2.66 20.39 -10.19
C GLY A 495 -1.80 19.18 -10.28
N ARG A 496 -1.64 18.45 -9.19
CA ARG A 496 -0.77 17.30 -9.20
C ARG A 496 -1.32 16.09 -8.50
N VAL A 497 -0.97 14.93 -9.00
CA VAL A 497 -1.31 13.69 -8.36
C VAL A 497 -0.20 12.71 -8.23
N PHE A 498 -0.08 12.12 -7.07
CA PHE A 498 0.69 10.94 -6.86
C PHE A 498 -0.20 9.72 -6.62
N PHE A 499 0.10 8.66 -7.33
CA PHE A 499 -0.66 7.45 -7.27
C PHE A 499 0.00 6.40 -6.43
N SER A 500 -0.75 5.84 -5.52
CA SER A 500 -0.26 4.87 -4.57
C SER A 500 -1.23 3.72 -4.57
N ASN A 501 -1.18 2.86 -3.59
CA ASN A 501 -2.01 1.70 -3.62
C ASN A 501 -3.02 1.54 -2.53
N SER A 502 -3.14 2.51 -1.64
CA SER A 502 -4.02 2.41 -0.48
C SER A 502 -4.18 3.73 0.24
N GLY A 503 -5.06 3.75 1.21
CA GLY A 503 -5.35 4.90 2.02
C GLY A 503 -4.19 5.36 2.81
N THR A 504 -3.71 4.51 3.69
CA THR A 504 -2.54 4.77 4.42
C THR A 504 -1.35 5.27 3.60
N GLU A 505 -1.12 4.68 2.43
CA GLU A 505 -0.08 5.10 1.52
C GLU A 505 -0.30 6.47 0.90
N ALA A 506 -1.55 6.78 0.61
CA ALA A 506 -1.93 8.08 0.16
C ALA A 506 -1.76 9.13 1.25
N VAL A 507 -1.94 8.72 2.49
CA VAL A 507 -1.67 9.55 3.61
C VAL A 507 -0.16 9.80 3.82
N GLU A 508 0.67 8.79 3.72
CA GLU A 508 2.08 8.95 3.81
C GLU A 508 2.54 9.91 2.79
N ALA A 509 1.98 9.82 1.60
CA ALA A 509 2.33 10.71 0.52
C ALA A 509 2.06 12.19 0.82
N ALA A 510 0.93 12.46 1.43
CA ALA A 510 0.58 13.78 1.85
C ALA A 510 1.54 14.28 2.94
N MET A 511 1.79 13.41 3.91
CA MET A 511 2.71 13.63 4.95
C MET A 511 4.08 14.10 4.46
N LYS A 512 4.57 13.47 3.43
CA LYS A 512 5.88 13.75 2.93
C LYS A 512 5.92 15.03 2.15
N ILE A 513 4.85 15.34 1.45
CA ILE A 513 4.67 16.61 0.77
C ILE A 513 4.67 17.74 1.78
N ALA A 514 3.86 17.63 2.81
CA ALA A 514 3.90 18.56 3.88
C ALA A 514 5.33 18.72 4.41
N LYS A 515 6.04 17.63 4.63
CA LYS A 515 7.37 17.69 5.14
C LYS A 515 8.36 18.32 4.20
N ALA A 516 8.28 17.95 2.96
CA ALA A 516 9.28 18.36 2.00
C ALA A 516 9.06 19.72 1.41
N SER A 517 7.86 20.23 1.52
CA SER A 517 7.62 21.53 0.98
C SER A 517 7.73 22.61 2.02
N THR A 518 7.44 22.28 3.26
CA THR A 518 7.46 23.27 4.30
C THR A 518 8.76 23.24 5.02
N GLY A 519 9.38 22.09 5.07
CA GLY A 519 10.64 21.96 5.74
C GLY A 519 10.49 21.80 7.20
N LYS A 520 9.26 21.76 7.65
CA LYS A 520 8.95 21.60 9.01
C LYS A 520 8.43 20.21 9.11
N PRO A 521 8.81 19.54 10.27
CA PRO A 521 8.38 18.14 10.31
C PRO A 521 7.05 17.86 10.96
N GLY A 522 6.42 18.83 11.57
CA GLY A 522 5.20 18.59 12.29
C GLY A 522 3.89 18.63 11.55
N ILE A 523 2.94 17.89 12.06
CA ILE A 523 1.62 17.85 11.49
C ILE A 523 0.64 17.70 12.62
N ALA A 524 -0.38 18.52 12.59
CA ALA A 524 -1.40 18.47 13.59
C ALA A 524 -2.48 17.57 13.14
N TYR A 525 -3.05 16.86 14.07
CA TYR A 525 -4.19 16.06 13.78
C TYR A 525 -5.18 16.17 14.93
N LEU A 526 -6.36 15.65 14.71
CA LEU A 526 -7.44 15.85 15.61
C LEU A 526 -7.64 14.58 16.31
N ARG A 527 -8.01 14.63 17.59
CA ARG A 527 -8.26 13.44 18.35
C ARG A 527 -9.36 12.58 17.75
N ASN A 528 -9.14 11.27 17.74
CA ASN A 528 -10.08 10.32 17.20
C ASN A 528 -10.12 10.34 15.67
N SER A 529 -9.03 10.82 15.10
CA SER A 529 -8.75 10.70 13.70
C SER A 529 -8.45 9.26 13.33
N TYR A 530 -8.72 8.89 12.11
CA TYR A 530 -8.22 7.65 11.57
C TYR A 530 -7.62 7.90 10.21
N HIS A 531 -6.35 7.61 10.05
CA HIS A 531 -5.65 7.91 8.82
C HIS A 531 -4.85 6.74 8.29
N GLY A 532 -4.91 5.59 8.93
CA GLY A 532 -4.18 4.43 8.47
C GLY A 532 -3.21 3.85 9.45
N LYS A 533 -2.66 2.72 9.08
CA LYS A 533 -1.95 1.89 10.00
C LYS A 533 -0.46 1.65 9.74
N THR A 534 0.06 2.13 8.63
CA THR A 534 1.48 2.22 8.47
C THR A 534 1.95 3.23 9.49
N LEU A 535 3.20 3.21 9.90
CA LEU A 535 3.63 3.96 11.07
C LEU A 535 3.66 5.48 10.92
N GLY A 536 4.10 5.98 9.79
CA GLY A 536 3.78 7.31 9.38
C GLY A 536 2.36 7.70 9.70
N ALA A 537 1.42 7.09 9.01
CA ALA A 537 0.00 7.37 9.18
C ALA A 537 -0.52 7.22 10.60
N LEU A 538 -0.03 6.22 11.31
CA LEU A 538 -0.36 5.95 12.68
C LEU A 538 -0.01 7.07 13.64
N SER A 539 0.99 7.84 13.26
CA SER A 539 1.53 8.89 14.07
C SER A 539 0.62 10.09 14.11
N ILE A 540 -0.26 10.18 13.15
CA ILE A 540 -1.31 11.18 13.14
C ILE A 540 -2.69 10.54 13.31
N THR A 541 -2.73 9.35 13.85
CA THR A 541 -3.98 8.67 14.13
C THR A 541 -4.32 8.76 15.62
N GLY A 542 -5.25 9.65 15.91
CA GLY A 542 -5.72 9.97 17.23
C GLY A 542 -6.47 8.94 18.00
N ARG A 543 -5.98 7.72 18.04
CA ARG A 543 -6.62 6.71 18.86
C ARG A 543 -5.72 5.65 19.46
N ASP A 544 -5.59 5.66 20.76
CA ASP A 544 -4.61 4.87 21.46
C ASP A 544 -4.65 3.38 21.27
N LYS A 545 -5.82 2.82 21.06
CA LYS A 545 -5.95 1.39 20.85
C LYS A 545 -5.14 0.93 19.65
N HIS A 546 -5.00 1.79 18.66
CA HIS A 546 -4.22 1.51 17.47
C HIS A 546 -2.76 1.84 17.65
N ARG A 547 -2.42 2.82 18.48
CA ARG A 547 -1.02 3.22 18.59
C ARG A 547 -0.26 2.60 19.72
N ARG A 548 -0.98 2.13 20.72
CA ARG A 548 -0.46 1.54 21.95
C ARG A 548 0.83 0.77 21.91
N TYR A 549 1.00 -0.04 20.88
CA TYR A 549 2.05 -1.00 20.87
C TYR A 549 3.27 -0.58 20.10
N PHE A 550 3.23 0.58 19.51
CA PHE A 550 4.27 0.98 18.59
C PHE A 550 4.95 2.29 18.93
N THR A 551 4.99 2.60 20.20
CA THR A 551 5.72 3.75 20.72
C THR A 551 7.24 3.55 20.75
N PRO A 552 8.00 4.53 20.32
CA PRO A 552 7.46 5.84 19.98
C PRO A 552 7.24 6.06 18.48
N LEU A 553 6.18 6.76 18.17
CA LEU A 553 5.85 7.13 16.83
C LEU A 553 6.64 8.35 16.48
N LEU A 554 6.31 9.00 15.41
CA LEU A 554 7.04 10.13 14.95
C LEU A 554 6.90 11.37 15.81
N ASP A 555 8.00 12.10 15.97
CA ASP A 555 8.06 13.30 16.76
C ASP A 555 7.47 14.38 15.94
N ALA A 556 6.92 15.35 16.65
CA ALA A 556 6.45 16.58 16.10
C ALA A 556 5.06 16.55 15.50
N MET A 557 4.34 15.47 15.68
CA MET A 557 2.95 15.45 15.34
C MET A 557 2.16 15.91 16.55
N VAL A 558 1.09 16.65 16.33
CA VAL A 558 0.29 17.18 17.41
C VAL A 558 -1.23 16.90 17.41
N GLU A 559 -1.73 16.15 18.38
CA GLU A 559 -3.14 15.90 18.58
C GLU A 559 -3.85 17.12 19.17
N VAL A 560 -4.78 17.68 18.42
CA VAL A 560 -5.62 18.76 18.93
C VAL A 560 -7.01 18.24 19.22
N PRO A 561 -7.62 18.64 20.31
CA PRO A 561 -8.96 18.17 20.57
C PRO A 561 -9.92 18.59 19.47
N PHE A 562 -10.92 17.79 19.25
CA PHE A 562 -11.73 17.93 18.07
C PHE A 562 -12.84 18.99 18.17
N GLY A 563 -12.86 19.89 17.22
CA GLY A 563 -13.78 21.02 17.17
C GLY A 563 -13.33 22.22 17.99
N ASP A 564 -12.23 22.06 18.72
CA ASP A 564 -11.69 23.04 19.62
C ASP A 564 -10.77 23.99 18.93
N LEU A 565 -11.22 25.19 18.62
CA LEU A 565 -10.45 26.04 17.71
C LEU A 565 -9.40 26.90 18.32
N ALA A 566 -9.55 27.28 19.56
CA ALA A 566 -8.48 28.06 20.15
C ALA A 566 -7.27 27.15 20.37
N ALA A 567 -7.52 25.95 20.85
CA ALA A 567 -6.50 24.93 20.96
C ALA A 567 -5.80 24.65 19.65
N LEU A 568 -6.48 24.88 18.56
CA LEU A 568 -5.95 24.58 17.27
C LEU A 568 -5.13 25.72 16.77
N ARG A 569 -5.35 26.88 17.35
CA ARG A 569 -4.52 28.01 17.04
C ARG A 569 -3.16 27.79 17.68
N GLU A 570 -3.17 27.34 18.92
CA GLU A 570 -1.97 27.05 19.64
C GLU A 570 -1.13 26.06 18.90
N ALA A 571 -1.69 24.92 18.55
CA ALA A 571 -0.99 23.88 17.83
C ALA A 571 -0.39 24.31 16.52
N LEU A 572 -1.11 25.13 15.80
CA LEU A 572 -0.75 25.57 14.47
C LEU A 572 0.19 26.72 14.41
N ASN A 573 0.30 27.48 15.47
CA ASN A 573 1.29 28.52 15.55
C ASN A 573 2.69 27.93 15.71
N ARG A 574 2.82 26.82 16.43
CA ARG A 574 4.08 26.15 16.69
C ARG A 574 5.07 26.16 15.55
N GLU A 575 6.27 26.61 15.85
CA GLU A 575 7.34 26.67 14.89
C GLU A 575 7.51 25.45 13.98
N ASP A 576 7.44 24.26 14.53
CA ASP A 576 7.73 23.07 13.75
C ASP A 576 6.54 22.40 13.08
N VAL A 577 5.44 23.11 12.94
CA VAL A 577 4.24 22.55 12.37
C VAL A 577 3.98 23.12 10.99
N GLY A 578 4.01 22.29 9.98
CA GLY A 578 3.76 22.74 8.64
C GLY A 578 2.36 22.53 8.10
N ALA A 579 1.58 21.66 8.72
CA ALA A 579 0.38 21.19 8.09
C ALA A 579 -0.62 20.68 9.05
N LEU A 580 -1.84 20.58 8.58
CA LEU A 580 -2.91 20.00 9.33
C LEU A 580 -3.66 18.95 8.53
N MET A 581 -4.03 17.90 9.22
CA MET A 581 -4.76 16.85 8.61
C MET A 581 -6.09 16.61 9.30
N ILE A 582 -7.14 16.72 8.53
CA ILE A 582 -8.50 16.50 8.98
C ILE A 582 -9.25 15.56 8.04
N GLU A 583 -10.38 15.06 8.50
CA GLU A 583 -11.32 14.35 7.68
C GLU A 583 -12.56 15.20 7.62
N PRO A 584 -13.24 15.27 6.39
CA PRO A 584 -14.53 15.96 6.45
C PRO A 584 -15.51 15.47 7.49
N ILE A 585 -15.53 14.20 7.77
CA ILE A 585 -16.28 13.66 8.86
C ILE A 585 -15.38 12.59 9.34
N GLN A 586 -15.32 12.38 10.64
CA GLN A 586 -14.50 11.39 11.24
C GLN A 586 -15.25 10.08 11.25
N GLY A 587 -14.73 9.10 10.54
CA GLY A 587 -15.45 7.88 10.29
C GLY A 587 -15.26 6.80 11.30
N GLU A 588 -14.04 6.28 11.30
CA GLU A 588 -13.61 5.34 12.30
C GLU A 588 -13.55 5.97 13.67
N GLY A 589 -14.01 7.19 13.81
CA GLY A 589 -14.18 7.81 15.10
C GLY A 589 -15.68 8.08 15.18
N GLY A 590 -16.53 7.07 15.02
CA GLY A 590 -17.95 7.28 15.19
C GLY A 590 -18.89 8.26 14.50
N VAL A 591 -18.56 8.64 13.28
CA VAL A 591 -19.47 9.35 12.44
C VAL A 591 -19.92 10.63 13.04
N HIS A 592 -19.01 11.57 13.14
CA HIS A 592 -19.28 12.88 13.68
C HIS A 592 -19.16 13.97 12.67
N ILE A 593 -20.26 14.61 12.35
CA ILE A 593 -20.21 15.78 11.50
C ILE A 593 -19.72 16.94 12.31
N PRO A 594 -18.78 17.75 11.65
CA PRO A 594 -18.21 18.77 12.50
C PRO A 594 -19.22 19.85 12.79
N PRO A 595 -18.90 20.65 13.89
CA PRO A 595 -19.90 21.66 14.18
C PRO A 595 -19.98 22.75 13.15
N ALA A 596 -21.09 23.47 13.22
CA ALA A 596 -21.52 24.47 12.25
C ALA A 596 -20.49 25.31 11.54
N GLY A 597 -19.57 25.92 12.23
CA GLY A 597 -18.63 26.78 11.55
C GLY A 597 -17.21 26.27 11.44
N TYR A 598 -17.01 25.09 11.95
CA TYR A 598 -15.70 24.59 12.21
C TYR A 598 -14.79 24.53 11.01
N LEU A 599 -15.17 23.80 10.00
CA LEU A 599 -14.26 23.45 8.95
C LEU A 599 -13.81 24.65 8.18
N GLN A 600 -14.62 25.60 8.25
CA GLN A 600 -14.36 26.80 7.50
C GLN A 600 -13.47 27.68 8.34
N ALA A 601 -13.67 27.66 9.56
CA ALA A 601 -12.82 28.38 10.47
C ALA A 601 -11.44 27.77 10.44
N VAL A 602 -11.38 26.46 10.45
CA VAL A 602 -10.15 25.74 10.32
C VAL A 602 -9.43 26.20 9.06
N GLN A 603 -10.15 26.22 7.96
CA GLN A 603 -9.58 26.66 6.72
C GLN A 603 -8.98 28.03 6.80
N GLN A 604 -9.63 28.95 7.51
CA GLN A 604 -9.20 30.31 7.54
C GLN A 604 -8.02 30.43 8.47
N LEU A 605 -8.11 29.71 9.58
CA LEU A 605 -7.05 29.64 10.52
C LEU A 605 -5.79 29.12 9.89
N CYS A 606 -5.93 28.17 8.99
CA CYS A 606 -4.79 27.60 8.35
C CYS A 606 -4.20 28.61 7.38
N ARG A 607 -5.01 29.52 6.91
CA ARG A 607 -4.52 30.53 6.04
C ARG A 607 -3.77 31.56 6.87
N GLU A 608 -4.27 31.81 8.06
CA GLU A 608 -3.76 32.77 9.02
C GLU A 608 -2.35 32.39 9.37
N THR A 609 -2.18 31.12 9.69
CA THR A 609 -0.93 30.60 10.18
C THR A 609 0.06 30.07 9.15
N GLY A 610 -0.26 30.11 7.88
CA GLY A 610 0.63 29.57 6.88
C GLY A 610 0.67 28.06 6.80
N VAL A 611 -0.19 27.39 7.54
CA VAL A 611 -0.23 25.95 7.52
C VAL A 611 -1.05 25.37 6.35
N LEU A 612 -0.53 24.30 5.77
CA LEU A 612 -1.24 23.53 4.75
C LEU A 612 -2.46 22.85 5.29
N LEU A 613 -3.57 22.99 4.61
CA LEU A 613 -4.76 22.22 4.87
C LEU A 613 -4.78 20.94 4.03
N MET A 614 -4.74 19.82 4.72
CA MET A 614 -4.68 18.50 4.12
C MET A 614 -5.91 17.72 4.50
N VAL A 615 -6.68 17.34 3.53
CA VAL A 615 -7.98 16.74 3.77
C VAL A 615 -8.08 15.29 3.35
N ASP A 616 -8.28 14.44 4.32
CA ASP A 616 -8.38 13.04 4.08
C ASP A 616 -9.79 12.62 3.69
N GLU A 617 -10.01 12.42 2.40
CA GLU A 617 -11.28 11.96 1.87
C GLU A 617 -11.29 10.50 1.44
N VAL A 618 -10.47 9.66 2.03
CA VAL A 618 -10.39 8.28 1.66
C VAL A 618 -11.74 7.61 1.90
N GLN A 619 -12.43 8.06 2.92
CA GLN A 619 -13.68 7.52 3.32
C GLN A 619 -14.90 8.32 2.90
N THR A 620 -14.85 9.63 2.98
CA THR A 620 -15.96 10.50 2.64
C THR A 620 -16.11 10.80 1.16
N GLY A 621 -15.14 10.42 0.37
CA GLY A 621 -15.06 10.72 -1.03
C GLY A 621 -15.91 9.87 -1.95
N LEU A 622 -16.03 10.35 -3.17
CA LEU A 622 -16.74 9.68 -4.24
C LEU A 622 -18.21 9.39 -4.01
N GLY A 623 -18.91 10.40 -3.58
CA GLY A 623 -20.32 10.38 -3.46
C GLY A 623 -20.90 9.82 -2.19
N ARG A 624 -20.06 9.37 -1.29
CA ARG A 624 -20.53 8.71 -0.09
C ARG A 624 -21.40 9.54 0.86
N THR A 625 -21.13 10.82 0.98
CA THR A 625 -21.87 11.70 1.84
C THR A 625 -22.86 12.53 1.10
N GLY A 626 -23.07 12.23 -0.16
CA GLY A 626 -24.03 12.95 -0.94
C GLY A 626 -23.44 14.01 -1.82
N LYS A 627 -22.14 14.14 -1.83
CA LYS A 627 -21.48 15.05 -2.74
C LYS A 627 -20.30 14.30 -3.28
N LEU A 628 -19.85 14.62 -4.47
CA LEU A 628 -18.74 13.92 -5.06
C LEU A 628 -17.56 13.88 -4.11
N PHE A 629 -17.37 14.97 -3.39
CA PHE A 629 -16.39 15.13 -2.34
C PHE A 629 -17.05 15.79 -1.16
N ALA A 630 -16.78 15.31 0.04
CA ALA A 630 -17.38 15.85 1.21
C ALA A 630 -17.00 17.30 1.41
N CYS A 631 -15.81 17.66 1.03
CA CYS A 631 -15.45 19.05 0.97
C CYS A 631 -16.52 19.97 0.38
N GLU A 632 -17.30 19.49 -0.57
CA GLU A 632 -18.27 20.35 -1.22
C GLU A 632 -19.33 20.85 -0.29
N TRP A 633 -19.55 20.16 0.80
CA TRP A 633 -20.55 20.59 1.71
C TRP A 633 -20.25 21.94 2.36
N ASP A 634 -18.98 22.23 2.62
CA ASP A 634 -18.65 23.46 3.30
C ASP A 634 -17.74 24.37 2.51
N GLY A 635 -17.65 24.12 1.22
CA GLY A 635 -16.72 24.83 0.39
C GLY A 635 -15.36 24.83 1.02
N ILE A 636 -14.78 23.67 1.20
CA ILE A 636 -13.48 23.57 1.77
C ILE A 636 -12.54 23.42 0.62
N GLU A 637 -11.50 24.24 0.53
CA GLU A 637 -10.53 24.12 -0.55
C GLU A 637 -9.19 23.60 -0.04
N PRO A 638 -8.95 22.24 -0.23
CA PRO A 638 -7.72 21.77 0.40
C PRO A 638 -6.44 22.25 -0.27
N ASP A 639 -5.33 22.05 0.37
CA ASP A 639 -4.06 22.20 -0.27
C ASP A 639 -3.58 20.84 -0.73
N VAL A 640 -3.94 19.82 0.01
CA VAL A 640 -3.68 18.42 -0.31
C VAL A 640 -4.90 17.58 0.04
N LEU A 641 -5.22 16.61 -0.79
CA LEU A 641 -6.36 15.76 -0.61
C LEU A 641 -6.07 14.31 -0.89
N MET A 642 -6.70 13.46 -0.15
CA MET A 642 -6.43 12.07 -0.13
C MET A 642 -7.68 11.28 -0.54
N LEU A 643 -7.54 10.43 -1.51
CA LEU A 643 -8.58 9.52 -1.96
C LEU A 643 -8.08 8.08 -1.95
N SER A 644 -8.92 7.15 -1.55
CA SER A 644 -8.75 5.74 -1.84
C SER A 644 -10.08 4.97 -1.81
N LYS A 645 -10.26 4.08 -0.87
CA LYS A 645 -11.41 3.20 -0.78
C LYS A 645 -12.14 2.83 -2.07
N SER A 646 -13.15 3.59 -2.47
CA SER A 646 -13.97 3.24 -3.61
C SER A 646 -13.42 3.54 -4.97
N LEU A 647 -12.35 4.29 -5.01
CA LEU A 647 -11.61 4.52 -6.20
C LEU A 647 -11.18 3.22 -6.85
N SER A 648 -11.12 2.14 -6.09
CA SER A 648 -10.82 0.83 -6.62
C SER A 648 -11.92 0.24 -7.52
N GLY A 649 -13.10 0.83 -7.44
CA GLY A 649 -14.26 0.22 -7.98
C GLY A 649 -14.54 -1.08 -7.30
N GLY A 650 -13.93 -1.27 -6.14
CA GLY A 650 -14.07 -2.45 -5.37
C GLY A 650 -13.42 -3.58 -6.07
N LEU A 651 -12.43 -3.27 -6.91
CA LEU A 651 -11.67 -4.23 -7.67
C LEU A 651 -10.15 -4.19 -7.46
N ILE A 652 -9.52 -3.10 -7.83
CA ILE A 652 -8.10 -2.98 -7.77
C ILE A 652 -7.64 -1.94 -6.76
N PRO A 653 -6.66 -2.40 -5.88
CA PRO A 653 -6.20 -1.38 -4.92
C PRO A 653 -5.61 -0.14 -5.52
N ILE A 654 -6.02 1.00 -5.05
CA ILE A 654 -5.50 2.25 -5.53
C ILE A 654 -5.64 3.42 -4.55
N GLY A 655 -4.65 4.27 -4.51
CA GLY A 655 -4.74 5.49 -3.77
C GLY A 655 -4.27 6.64 -4.60
N ALA A 656 -4.75 7.81 -4.28
CA ALA A 656 -4.30 9.04 -4.88
C ALA A 656 -4.19 10.18 -3.89
N THR A 657 -3.18 10.99 -4.07
CA THR A 657 -2.95 12.18 -3.28
C THR A 657 -2.81 13.35 -4.21
N LEU A 658 -3.71 14.28 -4.10
CA LEU A 658 -3.66 15.48 -4.88
C LEU A 658 -3.11 16.65 -4.10
N CYS A 659 -2.41 17.52 -4.78
CA CYS A 659 -1.97 18.77 -4.18
C CYS A 659 -1.90 19.90 -5.19
N ARG A 660 -1.74 21.12 -4.70
CA ARG A 660 -1.45 22.25 -5.54
C ARG A 660 -0.12 22.09 -6.25
N ALA A 661 -0.10 22.51 -7.49
CA ALA A 661 1.07 22.35 -8.29
C ALA A 661 2.24 23.04 -7.68
N ASP A 662 1.99 24.16 -7.06
CA ASP A 662 3.04 24.96 -6.48
C ASP A 662 3.63 24.40 -5.19
N LEU A 663 2.85 23.61 -4.48
CA LEU A 663 3.35 22.90 -3.35
C LEU A 663 4.24 21.78 -3.79
N TRP A 664 3.79 21.08 -4.81
CA TRP A 664 4.53 19.98 -5.37
C TRP A 664 5.83 20.49 -5.88
N GLN A 665 5.82 21.71 -6.37
CA GLN A 665 7.02 22.40 -6.78
C GLN A 665 8.01 22.58 -5.65
N LYS A 666 7.55 22.96 -4.47
CA LYS A 666 8.39 23.15 -3.32
C LYS A 666 8.85 21.83 -2.79
N ALA A 667 7.98 20.84 -2.85
CA ALA A 667 8.33 19.51 -2.47
C ALA A 667 9.38 18.92 -3.34
N TYR A 668 9.17 18.85 -4.62
CA TYR A 668 9.90 17.94 -5.45
C TYR A 668 10.37 18.48 -6.78
N GLY A 669 10.19 19.76 -7.02
CA GLY A 669 10.56 20.35 -8.27
C GLY A 669 12.03 20.60 -8.52
N THR A 670 12.86 19.72 -8.02
CA THR A 670 14.29 19.83 -8.19
C THR A 670 14.80 18.50 -8.63
N ALA A 671 15.96 18.50 -9.26
CA ALA A 671 16.51 17.30 -9.86
C ALA A 671 16.90 16.21 -8.93
N ASP A 672 17.13 16.56 -7.69
CA ASP A 672 17.36 15.60 -6.68
C ASP A 672 16.04 15.07 -6.20
N ARG A 673 15.02 15.89 -6.28
CA ARG A 673 13.81 15.68 -5.53
C ARG A 673 12.65 14.98 -6.25
N PHE A 674 12.68 14.90 -7.55
CA PHE A 674 11.50 14.55 -8.31
C PHE A 674 11.09 13.09 -8.35
N LEU A 675 11.88 12.23 -7.77
CA LEU A 675 11.59 10.83 -7.66
C LEU A 675 11.78 10.37 -6.25
N VAL A 676 11.85 11.31 -5.33
CA VAL A 676 12.09 11.01 -3.96
C VAL A 676 11.01 10.16 -3.33
N HIS A 677 9.75 10.48 -3.60
CA HIS A 677 8.67 9.59 -3.25
C HIS A 677 8.22 8.87 -4.49
N SER A 678 8.16 7.56 -4.41
CA SER A 678 7.84 6.74 -5.54
C SER A 678 7.29 5.48 -4.99
N SER A 679 6.77 4.64 -5.87
CA SER A 679 6.01 3.46 -5.56
C SER A 679 6.11 2.50 -6.71
N THR A 680 6.48 1.26 -6.44
CA THR A 680 6.63 0.25 -7.49
C THR A 680 5.37 -0.01 -8.29
N TYR A 681 4.28 -0.25 -7.59
CA TYR A 681 2.97 -0.43 -8.16
C TYR A 681 2.21 0.87 -8.43
N GLY A 682 2.49 1.89 -7.66
CA GLY A 682 1.69 3.09 -7.69
C GLY A 682 1.70 3.81 -8.98
N GLY A 683 0.57 3.90 -9.63
CA GLY A 683 0.47 4.58 -10.89
C GLY A 683 0.47 3.70 -12.09
N GLY A 684 0.37 2.40 -11.91
CA GLY A 684 0.11 1.48 -13.00
C GLY A 684 -1.13 1.75 -13.85
N ASN A 685 -0.99 1.58 -15.13
CA ASN A 685 -2.10 1.78 -16.06
C ASN A 685 -3.41 1.05 -15.69
N LEU A 686 -3.34 -0.24 -15.36
CA LEU A 686 -4.49 -1.04 -14.97
C LEU A 686 -5.37 -0.44 -13.91
N ALA A 687 -4.80 -0.13 -12.75
CA ALA A 687 -5.59 0.44 -11.69
C ALA A 687 -6.32 1.68 -12.14
N SER A 688 -5.66 2.47 -12.96
CA SER A 688 -6.18 3.70 -13.46
C SER A 688 -7.30 3.53 -14.46
N VAL A 689 -7.23 2.50 -15.28
CA VAL A 689 -8.31 2.14 -16.14
C VAL A 689 -9.56 1.85 -15.34
N VAL A 690 -9.40 1.06 -14.31
CA VAL A 690 -10.43 0.72 -13.37
C VAL A 690 -11.04 1.91 -12.65
N ALA A 691 -10.20 2.77 -12.11
CA ALA A 691 -10.66 3.93 -11.40
C ALA A 691 -11.43 4.83 -12.31
N LEU A 692 -10.87 5.15 -13.45
CA LEU A 692 -11.52 5.96 -14.43
C LEU A 692 -12.93 5.51 -14.69
N SER A 693 -13.07 4.22 -14.85
CA SER A 693 -14.33 3.59 -15.03
C SER A 693 -15.22 3.61 -13.79
N ALA A 694 -14.65 3.51 -12.61
CA ALA A 694 -15.42 3.59 -11.39
C ALA A 694 -16.05 4.94 -11.17
N LEU A 695 -15.28 5.98 -11.39
CA LEU A 695 -15.72 7.34 -11.29
C LEU A 695 -16.85 7.67 -12.21
N ARG A 696 -16.69 7.21 -13.42
CA ARG A 696 -17.62 7.35 -14.47
C ARG A 696 -18.97 6.81 -14.06
N GLU A 697 -18.97 5.60 -13.59
CA GLU A 697 -20.16 4.95 -13.15
C GLU A 697 -20.81 5.59 -11.98
N ILE A 698 -20.04 6.24 -11.13
CA ILE A 698 -20.59 6.88 -9.98
C ILE A 698 -21.43 8.03 -10.47
N LEU A 699 -20.91 8.66 -11.51
CA LEU A 699 -21.55 9.75 -12.15
C LEU A 699 -22.70 9.35 -13.10
N ALA A 700 -22.51 8.34 -13.91
CA ALA A 700 -23.56 7.91 -14.79
C ALA A 700 -24.76 7.40 -14.03
N GLN A 701 -24.57 6.78 -12.89
CA GLN A 701 -25.66 6.18 -12.17
C GLN A 701 -26.33 7.11 -11.17
N ASP A 702 -25.90 8.34 -11.07
CA ASP A 702 -26.52 9.32 -10.16
C ASP A 702 -26.45 8.87 -8.70
N LEU A 703 -25.34 8.29 -8.33
CA LEU A 703 -25.16 7.70 -7.02
C LEU A 703 -24.86 8.77 -6.00
N VAL A 704 -24.39 9.90 -6.48
CA VAL A 704 -24.17 11.05 -5.65
C VAL A 704 -25.49 11.58 -5.16
N GLY A 705 -26.40 11.80 -6.09
CA GLY A 705 -27.75 12.18 -5.80
C GLY A 705 -28.53 11.21 -4.97
N HIS A 706 -28.41 9.92 -5.28
CA HIS A 706 -28.97 8.84 -4.50
C HIS A 706 -28.50 8.76 -3.11
N ALA A 707 -27.24 9.06 -2.89
CA ALA A 707 -26.69 9.02 -1.56
C ALA A 707 -27.28 10.08 -0.66
N GLU A 708 -27.34 11.28 -1.16
CA GLU A 708 -28.02 12.34 -0.54
C GLU A 708 -29.46 11.99 -0.28
N ARG A 709 -30.20 11.67 -1.30
CA ARG A 709 -31.62 11.44 -1.17
C ARG A 709 -31.98 10.22 -0.37
N MET A 710 -31.39 9.09 -0.70
CA MET A 710 -31.64 7.88 0.02
C MET A 710 -31.06 7.98 1.39
N GLY A 711 -29.97 8.71 1.49
CA GLY A 711 -29.33 8.96 2.73
C GLY A 711 -30.19 9.70 3.70
N ALA A 712 -30.78 10.77 3.26
CA ALA A 712 -31.70 11.52 4.07
C ALA A 712 -32.86 10.65 4.51
N TYR A 713 -33.32 9.78 3.64
CA TYR A 713 -34.42 8.91 3.94
C TYR A 713 -34.14 7.90 5.03
N PHE A 714 -33.04 7.18 4.90
CA PHE A 714 -32.53 6.20 5.84
C PHE A 714 -32.32 6.79 7.24
N LYS A 715 -31.68 7.93 7.30
CA LYS A 715 -31.42 8.57 8.53
C LYS A 715 -32.70 8.93 9.25
N GLN A 716 -33.62 9.51 8.54
CA GLN A 716 -34.87 9.82 9.12
C GLN A 716 -35.52 8.60 9.69
N ALA A 717 -35.52 7.54 8.92
CA ALA A 717 -36.28 6.39 9.23
C ALA A 717 -35.76 5.69 10.44
N LEU A 718 -34.46 5.73 10.60
CA LEU A 718 -33.78 5.05 11.65
C LEU A 718 -33.97 5.84 12.90
N SER A 719 -34.03 7.13 12.75
CA SER A 719 -34.08 8.01 13.87
C SER A 719 -35.37 7.83 14.58
N GLU A 720 -36.38 7.52 13.80
CA GLU A 720 -37.71 7.30 14.26
C GLU A 720 -37.80 6.06 15.08
N ILE A 721 -36.95 5.09 14.82
CA ILE A 721 -36.90 3.91 15.62
C ILE A 721 -36.09 4.19 16.85
N ALA A 722 -35.05 4.98 16.69
CA ALA A 722 -34.16 5.26 17.77
C ALA A 722 -34.70 6.15 18.86
N ALA A 723 -35.82 6.81 18.60
CA ALA A 723 -36.38 7.71 19.58
C ALA A 723 -37.57 6.97 20.12
N ARG A 724 -37.43 5.68 20.21
CA ARG A 724 -38.33 4.85 20.97
C ARG A 724 -37.53 3.97 21.91
N TYR A 725 -36.22 4.10 21.84
CA TYR A 725 -35.38 3.25 22.61
C TYR A 725 -34.27 4.03 23.27
N PRO A 726 -34.29 3.95 24.67
CA PRO A 726 -33.21 4.71 25.31
C PRO A 726 -31.77 4.24 25.07
N PHE A 727 -31.56 2.99 24.75
CA PHE A 727 -30.20 2.55 24.47
C PHE A 727 -29.72 3.06 23.13
N VAL A 728 -30.63 3.29 22.21
CA VAL A 728 -30.26 3.93 20.97
C VAL A 728 -30.22 5.41 21.21
N SER A 729 -29.06 5.97 21.08
CA SER A 729 -28.82 7.31 21.52
C SER A 729 -29.05 8.30 20.41
N GLU A 730 -28.63 7.95 19.21
CA GLU A 730 -28.44 8.94 18.22
C GLU A 730 -28.17 8.28 16.89
N VAL A 731 -28.52 8.97 15.83
CA VAL A 731 -28.26 8.53 14.48
C VAL A 731 -27.64 9.70 13.80
N ARG A 732 -26.46 9.49 13.25
CA ARG A 732 -25.63 10.56 12.77
C ARG A 732 -25.13 10.27 11.39
N GLY A 733 -24.82 11.31 10.66
CA GLY A 733 -24.21 11.16 9.38
C GLY A 733 -24.79 11.97 8.27
N ARG A 734 -24.21 11.79 7.11
CA ARG A 734 -24.55 12.54 5.94
C ARG A 734 -24.45 11.64 4.72
N GLY A 735 -25.37 11.76 3.79
CA GLY A 735 -25.43 10.84 2.70
C GLY A 735 -25.60 9.43 3.20
N LEU A 736 -24.77 8.53 2.73
CA LEU A 736 -24.84 7.15 3.13
C LEU A 736 -23.70 6.78 4.05
N MET A 737 -23.25 7.75 4.81
CA MET A 737 -22.31 7.53 5.85
C MET A 737 -22.96 7.78 7.17
N LEU A 738 -23.36 6.71 7.81
CA LEU A 738 -24.11 6.82 9.02
C LEU A 738 -23.59 5.94 10.15
N GLY A 739 -23.87 6.33 11.35
CA GLY A 739 -23.57 5.51 12.50
C GLY A 739 -24.65 5.55 13.51
N ILE A 740 -24.86 4.46 14.20
CA ILE A 740 -25.80 4.43 15.26
C ILE A 740 -25.09 4.22 16.58
N GLN A 741 -25.34 5.11 17.52
CA GLN A 741 -24.67 5.09 18.82
C GLN A 741 -25.54 4.46 19.87
N PHE A 742 -24.95 3.59 20.66
CA PHE A 742 -25.65 2.96 21.73
C PHE A 742 -25.15 3.40 23.07
N ASP A 743 -25.93 3.15 24.08
CA ASP A 743 -25.69 3.76 25.36
C ASP A 743 -26.37 2.90 26.35
N GLN A 744 -25.71 1.85 26.79
CA GLN A 744 -26.33 1.00 27.80
C GLN A 744 -25.48 0.51 28.94
N ALA A 745 -25.86 1.01 30.10
CA ALA A 745 -25.44 0.50 31.40
C ALA A 745 -24.29 1.22 32.05
N HIS A 766 -18.07 -9.81 53.46
CA HIS A 766 -17.76 -8.40 53.63
C HIS A 766 -16.52 -8.22 54.50
N THR A 767 -16.26 -9.20 55.35
CA THR A 767 -15.04 -9.15 56.11
C THR A 767 -13.90 -9.71 55.35
N THR A 768 -14.21 -10.79 54.65
CA THR A 768 -13.28 -11.49 53.83
C THR A 768 -12.74 -10.50 52.89
N TRP A 769 -13.57 -9.59 52.45
CA TRP A 769 -13.15 -8.58 51.52
C TRP A 769 -12.32 -7.56 52.22
N LYS A 770 -12.77 -7.14 53.39
CA LYS A 770 -12.01 -6.16 54.17
C LYS A 770 -10.55 -6.55 54.28
N PHE A 771 -10.31 -7.85 54.39
CA PHE A 771 -8.98 -8.33 54.66
C PHE A 771 -8.31 -9.02 53.53
N LEU A 772 -8.61 -8.59 52.33
CA LEU A 772 -7.85 -9.01 51.19
C LEU A 772 -6.77 -7.97 51.04
N PRO A 773 -5.63 -8.36 50.54
CA PRO A 773 -4.62 -7.32 50.36
C PRO A 773 -5.14 -6.20 49.52
N ASP A 774 -4.60 -5.03 49.69
CA ASP A 774 -5.04 -3.88 48.96
C ASP A 774 -4.82 -4.17 47.49
N PRO A 775 -3.61 -4.83 47.21
CA PRO A 775 -3.42 -5.13 45.79
C PRO A 775 -4.54 -5.90 45.17
N VAL A 776 -4.98 -6.94 45.83
CA VAL A 776 -6.03 -7.78 45.33
C VAL A 776 -7.32 -7.03 45.17
N GLN A 777 -7.60 -6.14 46.08
CA GLN A 777 -8.80 -5.33 46.02
C GLN A 777 -8.75 -4.36 44.87
N ALA A 778 -7.59 -3.78 44.64
CA ALA A 778 -7.44 -2.80 43.65
C ALA A 778 -7.55 -3.46 42.31
N HIS A 779 -6.98 -4.64 42.18
CA HIS A 779 -7.08 -5.37 40.95
C HIS A 779 -8.50 -5.77 40.63
N LEU A 780 -9.22 -6.32 41.59
CA LEU A 780 -10.60 -6.65 41.36
C LEU A 780 -11.43 -5.44 41.03
N ARG A 781 -11.13 -4.30 41.62
CA ARG A 781 -11.90 -3.11 41.34
C ARG A 781 -11.74 -2.74 39.90
N ALA A 782 -10.52 -2.74 39.41
CA ALA A 782 -10.20 -2.25 38.10
C ALA A 782 -10.75 -3.13 36.96
N ALA A 783 -10.68 -4.43 37.15
CA ALA A 783 -11.22 -5.39 36.26
C ALA A 783 -12.67 -5.11 36.14
N MET A 784 -13.39 -5.11 37.23
CA MET A 784 -14.80 -4.86 37.20
C MET A 784 -15.17 -3.55 36.53
N ASP A 785 -14.38 -2.51 36.75
CA ASP A 785 -14.53 -1.26 36.02
C ASP A 785 -14.50 -1.42 34.51
N ARG A 786 -13.35 -1.81 33.98
CA ARG A 786 -13.13 -2.11 32.58
C ARG A 786 -14.15 -3.10 32.03
N MET A 787 -14.59 -4.06 32.83
CA MET A 787 -15.60 -4.99 32.39
C MET A 787 -16.91 -4.33 32.14
N GLU A 788 -17.24 -3.40 32.99
CA GLU A 788 -18.47 -2.70 32.88
C GLU A 788 -18.54 -2.04 31.53
N GLN A 789 -17.53 -1.29 31.16
CA GLN A 789 -17.53 -0.63 29.88
C GLN A 789 -17.63 -1.60 28.72
N ALA A 790 -16.81 -2.62 28.75
CA ALA A 790 -16.84 -3.62 27.73
C ALA A 790 -18.24 -4.16 27.61
N LEU A 791 -19.00 -4.13 28.68
CA LEU A 791 -20.37 -4.64 28.62
C LEU A 791 -21.25 -3.77 27.74
N GLY A 792 -20.75 -2.60 27.42
CA GLY A 792 -21.46 -1.69 26.57
C GLY A 792 -21.28 -2.10 25.16
N GLU A 793 -20.09 -2.54 24.81
CA GLU A 793 -19.78 -2.85 23.44
C GLU A 793 -20.27 -4.21 23.12
N MET A 794 -20.41 -5.03 24.13
CA MET A 794 -20.92 -6.36 23.99
C MET A 794 -22.38 -6.29 23.65
N PHE A 795 -23.01 -5.19 24.02
CA PHE A 795 -24.39 -4.96 23.74
C PHE A 795 -24.58 -4.62 22.31
N CYS A 796 -23.76 -3.70 21.86
CA CYS A 796 -23.66 -3.30 20.51
C CYS A 796 -23.32 -4.47 19.58
N MET A 797 -22.32 -5.27 19.89
CA MET A 797 -22.02 -6.48 19.12
C MET A 797 -23.19 -7.45 19.15
N LYS A 798 -24.06 -7.33 20.11
CA LYS A 798 -25.23 -8.17 20.17
C LYS A 798 -26.16 -7.83 19.02
N PHE A 799 -26.25 -6.58 18.70
CA PHE A 799 -26.88 -6.16 17.47
C PHE A 799 -26.27 -6.74 16.21
N VAL A 800 -24.98 -6.57 16.05
CA VAL A 800 -24.31 -7.11 14.91
C VAL A 800 -24.69 -8.55 14.66
N THR A 801 -24.78 -9.33 15.71
CA THR A 801 -24.89 -10.75 15.66
C THR A 801 -26.27 -11.20 15.31
N LYS A 802 -27.24 -10.45 15.77
CA LYS A 802 -28.62 -10.73 15.52
C LYS A 802 -29.03 -10.35 14.14
N LEU A 803 -28.50 -9.26 13.64
CA LEU A 803 -28.68 -8.90 12.27
C LEU A 803 -28.12 -9.96 11.33
N CYS A 804 -26.89 -10.40 11.52
CA CYS A 804 -26.33 -11.44 10.73
C CYS A 804 -27.06 -12.73 10.91
N GLN A 805 -27.23 -13.17 12.14
CA GLN A 805 -27.87 -14.45 12.37
C GLN A 805 -29.37 -14.52 12.05
N ASP A 806 -30.14 -13.52 12.44
CA ASP A 806 -31.58 -13.58 12.23
C ASP A 806 -32.05 -12.99 10.92
N HIS A 807 -31.27 -12.11 10.32
CA HIS A 807 -31.75 -11.37 9.19
C HIS A 807 -30.82 -11.34 8.05
N LYS A 808 -29.76 -12.11 8.15
CA LYS A 808 -28.68 -12.11 7.23
C LYS A 808 -28.26 -10.74 6.74
N ILE A 809 -28.11 -9.81 7.65
CA ILE A 809 -27.59 -8.52 7.34
C ILE A 809 -26.22 -8.37 7.95
N LEU A 810 -25.30 -7.91 7.17
CA LEU A 810 -23.95 -7.66 7.60
C LEU A 810 -23.79 -6.20 7.96
N THR A 811 -23.49 -5.95 9.21
CA THR A 811 -23.12 -4.65 9.65
C THR A 811 -21.87 -4.83 10.41
N PHE A 812 -21.23 -3.74 10.76
CA PHE A 812 -20.20 -3.79 11.76
C PHE A 812 -20.05 -2.55 12.60
N ILE A 813 -18.99 -2.52 13.37
CA ILE A 813 -18.67 -1.43 14.28
C ILE A 813 -17.40 -0.74 13.84
N THR A 814 -17.26 0.52 14.17
CA THR A 814 -16.12 1.29 13.71
C THR A 814 -14.88 0.95 14.47
N ALA A 815 -13.74 1.13 13.85
CA ALA A 815 -12.47 0.77 14.45
C ALA A 815 -12.02 1.54 15.68
N ASN A 816 -12.42 2.80 15.79
CA ASN A 816 -12.05 3.62 16.91
C ASN A 816 -13.05 3.48 18.05
N SER A 817 -14.33 3.61 17.76
CA SER A 817 -15.38 3.37 18.73
C SER A 817 -16.03 2.02 18.51
N SER A 818 -16.26 1.33 19.59
CA SER A 818 -16.92 0.07 19.53
C SER A 818 -18.35 0.13 20.07
N THR A 819 -18.91 1.30 19.96
CA THR A 819 -20.18 1.55 20.49
C THR A 819 -21.01 2.20 19.39
N VAL A 820 -20.43 2.34 18.23
CA VAL A 820 -21.13 2.82 17.06
C VAL A 820 -21.22 1.77 16.00
N ILE A 821 -22.41 1.37 15.65
CA ILE A 821 -22.64 0.60 14.44
C ILE A 821 -22.49 1.50 13.23
N ARG A 822 -21.61 1.09 12.33
CA ARG A 822 -21.46 1.71 11.03
C ARG A 822 -22.63 1.29 10.21
N ILE A 823 -23.17 2.22 9.49
CA ILE A 823 -24.12 1.87 8.48
C ILE A 823 -23.63 2.48 7.20
N GLN A 824 -23.11 1.66 6.33
CA GLN A 824 -22.35 2.14 5.24
C GLN A 824 -22.60 1.32 3.96
N PRO A 825 -23.92 1.39 3.48
CA PRO A 825 -24.17 0.45 2.37
C PRO A 825 -23.52 0.85 1.07
N PRO A 826 -23.43 -0.15 0.11
CA PRO A 826 -23.16 0.34 -1.24
C PRO A 826 -24.16 1.39 -1.67
N LEU A 827 -23.72 2.38 -2.40
CA LEU A 827 -24.55 3.47 -2.82
C LEU A 827 -25.65 3.08 -3.81
N ILE A 828 -25.50 1.95 -4.47
CA ILE A 828 -26.56 1.42 -5.27
C ILE A 828 -27.77 0.88 -4.47
N ILE A 829 -27.77 1.02 -3.16
CA ILE A 829 -28.80 0.47 -2.31
C ILE A 829 -30.23 0.93 -2.60
N SER A 830 -31.18 0.03 -2.50
CA SER A 830 -32.55 0.33 -2.82
C SER A 830 -33.38 0.74 -1.63
N LYS A 831 -34.45 1.44 -1.90
CA LYS A 831 -35.46 1.70 -0.93
C LYS A 831 -35.95 0.44 -0.28
N ALA A 832 -36.17 -0.57 -1.07
CA ALA A 832 -36.62 -1.85 -0.57
C ALA A 832 -35.66 -2.38 0.46
N GLU A 833 -34.39 -2.27 0.16
CA GLU A 833 -33.36 -2.74 1.02
C GLU A 833 -33.17 -1.91 2.26
N ILE A 834 -33.29 -0.61 2.12
CA ILE A 834 -33.23 0.25 3.23
C ILE A 834 -34.36 -0.05 4.19
N ASP A 835 -35.57 -0.14 3.68
CA ASP A 835 -36.71 -0.36 4.52
C ASP A 835 -36.66 -1.70 5.22
N ARG A 836 -36.08 -2.67 4.53
CA ARG A 836 -35.89 -3.95 5.13
C ARG A 836 -34.88 -3.87 6.27
N PHE A 837 -33.86 -3.06 6.12
CA PHE A 837 -32.92 -2.87 7.20
C PHE A 837 -33.56 -2.15 8.36
N VAL A 838 -34.43 -1.22 8.09
CA VAL A 838 -35.09 -0.47 9.12
C VAL A 838 -35.98 -1.36 9.98
N GLY A 839 -36.66 -2.30 9.37
CA GLY A 839 -37.54 -3.16 10.08
C GLY A 839 -36.82 -4.20 10.87
N ALA A 840 -35.67 -4.64 10.40
CA ALA A 840 -34.94 -5.66 11.08
C ALA A 840 -34.38 -5.07 12.33
N PHE A 841 -33.89 -3.85 12.21
CA PHE A 841 -33.34 -3.09 13.28
C PHE A 841 -34.38 -2.74 14.33
N ALA A 842 -35.62 -2.58 13.90
CA ALA A 842 -36.72 -2.40 14.82
C ALA A 842 -37.00 -3.70 15.53
N THR A 843 -37.01 -4.78 14.80
CA THR A 843 -37.12 -6.07 15.40
C THR A 843 -36.05 -6.31 16.47
N VAL A 844 -34.84 -5.86 16.24
CA VAL A 844 -33.74 -6.13 17.13
C VAL A 844 -33.79 -5.29 18.37
N CYS A 845 -34.13 -4.03 18.25
CA CYS A 845 -34.43 -3.22 19.39
C CYS A 845 -35.57 -3.80 20.23
N GLU A 846 -36.61 -4.26 19.57
CA GLU A 846 -37.75 -4.81 20.24
C GLU A 846 -37.39 -6.07 21.01
N GLU A 847 -36.32 -6.75 20.62
CA GLU A 847 -35.94 -7.96 21.28
C GLU A 847 -34.96 -7.75 22.43
N LEU A 848 -34.14 -6.74 22.31
CA LEU A 848 -33.13 -6.48 23.30
C LEU A 848 -33.74 -5.68 24.41
N SER A 849 -34.80 -4.97 24.09
CA SER A 849 -35.52 -4.27 25.11
C SER A 849 -36.17 -5.24 26.07
N THR A 850 -36.47 -6.42 25.59
CA THR A 850 -37.17 -7.39 26.38
C THR A 850 -36.22 -8.28 27.11
N PHE A 851 -34.99 -8.29 26.68
CA PHE A 851 -33.99 -9.09 27.34
C PHE A 851 -33.54 -8.29 28.55
N LEU A 852 -33.45 -6.98 28.38
CA LEU A 852 -33.19 -6.07 29.48
C LEU A 852 -34.41 -5.88 30.38
N ASP A 853 -35.38 -6.76 30.24
CA ASP A 853 -36.61 -6.67 30.98
C ASP A 853 -36.83 -7.91 31.81
N LEU A 854 -35.90 -8.83 31.71
CA LEU A 854 -35.99 -10.03 32.46
C LEU A 854 -34.88 -10.00 33.49
N GLU A 855 -34.68 -8.82 34.07
CA GLU A 855 -33.57 -8.57 34.98
C GLU A 855 -33.91 -7.74 36.22
N ALA B 372 -17.80 29.86 -22.37
CA ALA B 372 -17.53 28.54 -22.93
C ALA B 372 -18.74 27.77 -23.48
N LEU B 373 -19.52 27.07 -22.65
CA LEU B 373 -19.37 27.01 -21.22
C LEU B 373 -18.70 25.72 -20.83
N PRO B 374 -18.61 25.47 -19.45
CA PRO B 374 -17.98 24.19 -19.12
C PRO B 374 -18.89 22.96 -19.26
N ALA B 375 -18.29 21.80 -19.50
CA ALA B 375 -19.03 20.59 -19.70
C ALA B 375 -19.41 19.99 -18.38
N SER B 376 -20.51 19.26 -18.33
CA SER B 376 -20.87 18.50 -17.14
C SER B 376 -19.79 17.49 -16.81
N ARG B 377 -19.79 17.03 -15.58
CA ARG B 377 -18.76 16.14 -15.10
C ARG B 377 -18.71 14.85 -15.88
N LEU B 378 -19.88 14.37 -16.28
CA LEU B 378 -20.00 13.11 -16.99
C LEU B 378 -19.47 13.14 -18.38
N ALA B 379 -19.90 14.11 -19.14
CA ALA B 379 -19.43 14.24 -20.49
C ALA B 379 -17.95 14.51 -20.52
N PHE B 380 -17.45 15.26 -19.57
CA PHE B 380 -16.02 15.46 -19.47
C PHE B 380 -15.30 14.12 -19.33
N ILE B 381 -15.57 13.37 -18.29
CA ILE B 381 -14.95 12.09 -18.07
C ILE B 381 -15.03 11.17 -19.27
N ASP B 382 -16.22 11.09 -19.83
CA ASP B 382 -16.50 10.28 -21.00
C ASP B 382 -15.66 10.69 -22.18
N ALA B 383 -15.42 11.97 -22.35
CA ALA B 383 -14.55 12.43 -23.40
C ALA B 383 -13.09 12.02 -23.20
N VAL B 384 -12.59 12.17 -21.99
CA VAL B 384 -11.29 11.68 -21.64
C VAL B 384 -11.21 10.20 -21.86
N ILE B 385 -12.16 9.45 -21.36
CA ILE B 385 -12.15 8.00 -21.54
C ILE B 385 -12.11 7.62 -22.98
N ALA B 386 -12.87 8.32 -23.77
CA ALA B 386 -13.09 7.98 -25.15
C ALA B 386 -11.96 8.39 -26.03
N GLN B 387 -11.22 9.39 -25.63
CA GLN B 387 -10.16 9.91 -26.43
C GLN B 387 -9.07 8.90 -26.61
N THR B 388 -8.43 8.95 -27.76
CA THR B 388 -7.33 8.07 -28.01
C THR B 388 -6.11 8.88 -28.30
N PRO B 389 -5.40 9.19 -27.15
CA PRO B 389 -4.48 10.32 -27.34
C PRO B 389 -3.19 10.08 -28.07
N ALA B 390 -2.82 11.08 -28.83
CA ALA B 390 -1.54 11.15 -29.44
C ALA B 390 -0.48 11.16 -28.38
N ARG B 391 0.65 10.59 -28.70
CA ARG B 391 1.75 10.51 -27.78
C ARG B 391 2.09 11.84 -27.22
N GLU B 392 1.92 12.88 -27.99
CA GLU B 392 2.24 14.22 -27.56
C GLU B 392 1.28 14.75 -26.50
N ASP B 393 0.03 14.35 -26.57
CA ASP B 393 -0.94 14.73 -25.58
C ASP B 393 -0.76 14.03 -24.26
N THR B 394 -0.38 12.78 -24.27
CA THR B 394 -0.10 12.08 -23.05
C THR B 394 1.05 12.75 -22.30
N LEU B 395 2.13 13.05 -22.99
CA LEU B 395 3.24 13.68 -22.37
C LEU B 395 2.83 15.00 -21.72
N ASP B 396 2.09 15.80 -22.48
CA ASP B 396 1.59 17.06 -22.00
C ASP B 396 0.76 16.89 -20.77
N ARG B 397 -0.17 15.97 -20.87
CA ARG B 397 -1.04 15.64 -19.79
C ARG B 397 -0.25 15.23 -18.59
N TYR B 398 0.74 14.39 -18.77
CA TYR B 398 1.56 13.96 -17.66
C TYR B 398 2.44 15.08 -17.09
N HIS B 399 3.03 15.87 -17.97
CA HIS B 399 3.81 17.02 -17.58
C HIS B 399 3.01 17.90 -16.66
N GLN B 400 1.73 18.04 -16.96
CA GLN B 400 0.86 18.95 -16.23
C GLN B 400 0.34 18.46 -14.91
N TYR B 401 0.02 17.20 -14.84
CA TYR B 401 -0.68 16.70 -13.70
C TYR B 401 0.04 15.71 -12.89
N ILE B 402 1.17 15.22 -13.34
CA ILE B 402 1.89 14.22 -12.55
C ILE B 402 3.28 14.65 -12.13
N ASN B 403 4.22 14.61 -13.06
CA ASN B 403 5.59 14.92 -12.78
C ASN B 403 6.29 15.53 -13.96
N PRO B 404 6.29 16.92 -14.01
CA PRO B 404 7.02 17.48 -15.16
C PRO B 404 8.53 17.29 -15.13
N MET B 405 9.15 17.15 -13.98
CA MET B 405 10.58 16.88 -13.94
C MET B 405 10.88 15.57 -14.58
N MET B 406 10.04 14.59 -14.37
CA MET B 406 10.22 13.27 -14.92
C MET B 406 10.11 13.27 -16.41
N VAL B 407 9.15 14.02 -16.89
CA VAL B 407 8.91 14.07 -18.28
C VAL B 407 10.08 14.73 -18.94
N ASP B 408 10.58 15.77 -18.32
CA ASP B 408 11.70 16.47 -18.87
C ASP B 408 12.95 15.60 -18.81
N PHE B 409 13.10 14.87 -17.75
CA PHE B 409 14.19 13.93 -17.69
C PHE B 409 14.21 12.99 -18.87
N LEU B 410 13.08 12.43 -19.20
CA LEU B 410 13.02 11.39 -20.19
C LEU B 410 13.25 11.91 -21.56
N LYS B 411 12.78 13.11 -21.84
CA LYS B 411 13.14 13.76 -23.09
C LYS B 411 14.63 13.78 -23.19
N LEU B 412 15.25 14.14 -22.08
CA LEU B 412 16.68 14.22 -21.94
C LEU B 412 17.37 12.92 -22.30
N GLN B 413 16.98 11.85 -21.65
CA GLN B 413 17.55 10.58 -21.94
C GLN B 413 17.08 10.07 -23.28
N ARG B 414 16.15 10.77 -23.88
CA ARG B 414 15.60 10.35 -25.14
C ARG B 414 14.89 9.01 -25.00
N CYS B 415 14.26 8.80 -23.85
CA CYS B 415 13.55 7.58 -23.57
C CYS B 415 12.20 7.96 -23.01
N ASP B 416 11.55 8.93 -23.61
CA ASP B 416 10.22 9.33 -23.21
C ASP B 416 9.12 8.62 -23.99
N ASN B 417 9.07 7.31 -23.88
CA ASN B 417 8.12 6.54 -24.60
C ASN B 417 6.76 6.46 -23.97
N VAL B 418 5.76 6.24 -24.80
CA VAL B 418 4.44 5.95 -24.32
C VAL B 418 4.02 4.67 -24.97
N PHE B 419 3.99 3.63 -24.19
CA PHE B 419 3.77 2.32 -24.69
C PHE B 419 2.30 1.97 -24.88
N ARG B 420 1.99 1.33 -26.01
CA ARG B 420 0.63 0.99 -26.39
C ARG B 420 0.19 -0.41 -25.96
N SER B 421 1.07 -1.37 -26.01
CA SER B 421 0.81 -2.68 -25.49
C SER B 421 2.09 -3.30 -25.01
N ALA B 422 1.97 -4.46 -24.39
CA ALA B 422 3.11 -5.18 -23.91
C ALA B 422 2.80 -6.63 -23.85
N ALA B 423 3.77 -7.45 -24.14
CA ALA B 423 3.65 -8.87 -24.00
C ALA B 423 4.99 -9.55 -23.80
N GLY B 424 5.12 -10.26 -22.70
CA GLY B 424 6.28 -11.06 -22.40
C GLY B 424 7.47 -10.21 -22.05
N THR B 425 8.50 -10.26 -22.86
CA THR B 425 9.62 -9.37 -22.74
C THR B 425 9.50 -8.14 -23.59
N GLN B 426 8.40 -7.99 -24.30
CA GLN B 426 8.30 -6.90 -25.25
C GLN B 426 7.34 -5.79 -24.88
N LEU B 427 7.74 -4.55 -25.06
CA LEU B 427 6.86 -3.39 -25.00
C LEU B 427 6.75 -2.70 -26.34
N TYR B 428 5.55 -2.28 -26.68
CA TYR B 428 5.31 -1.61 -27.94
C TYR B 428 4.67 -0.22 -27.90
N ASP B 429 5.16 0.64 -28.78
CA ASP B 429 4.68 2.02 -28.91
C ASP B 429 3.52 2.26 -29.87
N ASP B 430 3.24 3.53 -30.12
CA ASP B 430 2.12 4.00 -30.94
C ASP B 430 2.16 3.39 -32.31
N ALA B 431 3.38 3.13 -32.75
CA ALA B 431 3.66 2.73 -34.11
C ALA B 431 4.00 1.28 -34.28
N GLY B 432 4.05 0.57 -33.17
CA GLY B 432 4.25 -0.87 -33.15
C GLY B 432 5.66 -1.31 -32.88
N GLU B 433 6.50 -0.36 -32.59
CA GLU B 433 7.92 -0.56 -32.43
C GLU B 433 8.24 -1.30 -31.15
N ALA B 434 9.00 -2.37 -31.20
CA ALA B 434 9.28 -3.21 -30.06
C ALA B 434 10.48 -2.83 -29.21
N PHE B 435 10.28 -2.71 -27.92
CA PHE B 435 11.39 -2.49 -27.03
C PHE B 435 11.61 -3.70 -26.16
N LEU B 436 12.84 -4.07 -25.89
CA LEU B 436 13.12 -5.16 -24.98
C LEU B 436 13.30 -4.73 -23.52
N ASP B 437 12.60 -5.40 -22.65
CA ASP B 437 12.37 -4.97 -21.31
C ASP B 437 13.28 -5.61 -20.30
N MET B 438 14.37 -4.92 -20.02
CA MET B 438 15.34 -5.29 -19.03
C MET B 438 15.06 -4.63 -17.71
N VAL B 439 13.96 -3.92 -17.58
CA VAL B 439 13.63 -3.32 -16.28
C VAL B 439 12.58 -4.11 -15.54
N ALA B 440 11.58 -4.54 -16.26
CA ALA B 440 10.58 -5.41 -15.72
C ALA B 440 9.81 -4.82 -14.55
N GLY B 441 9.40 -3.59 -14.67
CA GLY B 441 8.65 -2.93 -13.65
C GLY B 441 9.42 -2.78 -12.36
N TYR B 442 10.73 -2.84 -12.48
CA TYR B 442 11.66 -2.87 -11.38
C TYR B 442 11.58 -4.13 -10.54
N GLY B 443 11.21 -5.21 -11.17
CA GLY B 443 11.17 -6.48 -10.52
C GLY B 443 9.85 -7.10 -10.23
N CYS B 444 8.76 -6.49 -10.63
CA CYS B 444 7.46 -7.05 -10.45
C CYS B 444 6.93 -7.85 -11.64
N LEU B 445 7.74 -8.05 -12.65
CA LEU B 445 7.33 -8.76 -13.83
C LEU B 445 8.16 -9.99 -14.21
N ASN B 446 8.32 -10.90 -13.27
CA ASN B 446 9.09 -12.10 -13.49
C ASN B 446 8.48 -12.95 -14.59
N LEU B 447 7.19 -12.79 -14.81
CA LEU B 447 6.47 -13.56 -15.75
C LEU B 447 6.27 -12.85 -17.07
N GLY B 448 6.83 -11.67 -17.21
CA GLY B 448 6.61 -10.79 -18.31
C GLY B 448 5.31 -10.02 -18.36
N HIS B 449 5.16 -9.15 -19.33
CA HIS B 449 3.94 -8.42 -19.50
C HIS B 449 2.80 -9.32 -19.92
N ASN B 450 1.68 -9.15 -19.25
CA ASN B 450 0.41 -9.79 -19.49
C ASN B 450 0.50 -11.27 -19.67
N PRO B 451 0.97 -11.98 -18.57
CA PRO B 451 1.05 -13.43 -18.79
C PRO B 451 -0.34 -14.09 -18.78
N GLN B 452 -0.61 -14.78 -19.84
CA GLN B 452 -1.95 -15.18 -20.19
C GLN B 452 -2.64 -16.06 -19.16
N PRO B 453 -1.87 -17.10 -18.62
CA PRO B 453 -2.53 -17.81 -17.52
C PRO B 453 -2.98 -16.94 -16.37
N VAL B 454 -2.21 -15.94 -16.02
CA VAL B 454 -2.55 -15.05 -14.93
C VAL B 454 -3.66 -14.13 -15.31
N VAL B 455 -3.65 -13.64 -16.53
CA VAL B 455 -4.76 -12.88 -17.05
C VAL B 455 -6.05 -13.68 -17.11
N ASN B 456 -5.93 -14.96 -17.40
CA ASN B 456 -7.08 -15.80 -17.50
C ASN B 456 -7.69 -16.01 -16.15
N ALA B 457 -6.90 -16.39 -15.18
CA ALA B 457 -7.37 -16.53 -13.83
C ALA B 457 -8.09 -15.32 -13.30
N LEU B 458 -7.59 -14.15 -13.58
CA LEU B 458 -8.26 -12.93 -13.20
C LEU B 458 -9.60 -12.77 -13.88
N LYS B 459 -9.61 -12.81 -15.20
CA LYS B 459 -10.84 -12.74 -15.93
C LYS B 459 -11.85 -13.75 -15.44
N ASN B 460 -11.44 -14.99 -15.24
CA ASN B 460 -12.34 -16.02 -14.77
C ASN B 460 -12.94 -15.81 -13.40
N TYR B 461 -12.18 -15.28 -12.46
CA TYR B 461 -12.65 -15.01 -11.16
C TYR B 461 -13.69 -13.93 -11.25
N LEU B 462 -13.45 -12.90 -12.04
CA LEU B 462 -14.44 -11.86 -12.28
C LEU B 462 -15.71 -12.34 -12.97
N ASP B 463 -15.59 -13.22 -13.93
CA ASP B 463 -16.73 -13.79 -14.59
C ASP B 463 -17.58 -14.64 -13.64
N ALA B 464 -16.95 -15.39 -12.76
CA ALA B 464 -17.59 -16.10 -11.67
C ALA B 464 -18.19 -15.26 -10.53
N GLN B 465 -18.00 -13.97 -10.60
CA GLN B 465 -18.44 -13.06 -9.57
C GLN B 465 -17.91 -13.42 -8.19
N GLY B 466 -16.63 -13.72 -8.16
CA GLY B 466 -15.95 -13.89 -6.92
C GLY B 466 -15.92 -12.65 -6.07
N PRO B 467 -16.20 -12.89 -4.71
CA PRO B 467 -16.12 -11.68 -3.89
C PRO B 467 -14.66 -11.24 -3.69
N ASN B 468 -14.46 -9.95 -3.57
CA ASN B 468 -13.12 -9.43 -3.49
C ASN B 468 -12.74 -8.99 -2.09
N PHE B 469 -13.10 -7.77 -1.73
CA PHE B 469 -12.63 -7.15 -0.52
C PHE B 469 -13.53 -7.51 0.67
N ILE B 470 -13.59 -8.75 1.01
CA ILE B 470 -14.45 -9.21 2.06
C ILE B 470 -13.71 -9.80 3.23
N GLN B 471 -12.41 -9.57 3.32
CA GLN B 471 -11.53 -10.28 4.21
C GLN B 471 -11.64 -9.91 5.66
N TYR B 472 -12.22 -8.76 5.92
CA TYR B 472 -12.50 -8.36 7.27
C TYR B 472 -13.93 -8.37 7.67
N ILE B 473 -14.80 -8.96 6.88
CA ILE B 473 -16.19 -9.11 7.29
C ILE B 473 -16.61 -10.55 7.22
N SER B 474 -15.68 -11.41 6.92
CA SER B 474 -15.92 -12.79 6.60
C SER B 474 -14.61 -13.47 6.32
N ILE B 475 -14.66 -14.76 6.08
CA ILE B 475 -13.48 -15.54 5.84
C ILE B 475 -13.16 -15.78 4.35
N PRO B 476 -12.03 -15.08 3.89
CA PRO B 476 -11.85 -15.14 2.43
C PRO B 476 -11.26 -16.44 1.91
N GLU B 477 -11.97 -17.19 1.10
CA GLU B 477 -11.49 -18.48 0.67
C GLU B 477 -10.22 -18.55 -0.17
N GLN B 478 -10.04 -17.69 -1.13
CA GLN B 478 -8.84 -17.72 -1.95
C GLN B 478 -7.60 -17.31 -1.19
N THR B 479 -7.76 -16.35 -0.31
CA THR B 479 -6.70 -15.78 0.42
C THR B 479 -6.16 -16.78 1.39
N ALA B 480 -7.08 -17.53 1.95
CA ALA B 480 -6.83 -18.68 2.74
C ALA B 480 -5.91 -19.64 2.05
N LYS B 481 -6.20 -19.96 0.82
CA LYS B 481 -5.35 -20.82 0.01
C LYS B 481 -3.93 -20.29 -0.14
N LEU B 482 -3.80 -19.03 -0.51
CA LEU B 482 -2.53 -18.40 -0.74
C LEU B 482 -1.61 -18.42 0.50
N ALA B 483 -2.22 -18.31 1.64
CA ALA B 483 -1.54 -18.29 2.87
C ALA B 483 -1.01 -19.68 3.20
N GLU B 484 -1.79 -20.72 2.96
CA GLU B 484 -1.33 -22.06 3.16
C GLU B 484 -0.16 -22.38 2.24
N VAL B 485 -0.26 -22.02 0.97
CA VAL B 485 0.79 -22.25 0.04
C VAL B 485 2.06 -21.53 0.44
N LEU B 486 1.96 -20.28 0.71
CA LEU B 486 3.14 -19.51 1.01
C LEU B 486 3.87 -20.04 2.24
N CYS B 487 3.13 -20.45 3.25
CA CYS B 487 3.73 -21.11 4.38
C CYS B 487 4.35 -22.43 4.01
N ARG B 488 3.73 -23.25 3.19
CA ARG B 488 4.39 -24.46 2.73
C ARG B 488 5.65 -24.20 1.97
N LEU B 489 5.73 -23.12 1.24
CA LEU B 489 6.86 -22.87 0.38
C LEU B 489 7.96 -22.04 1.00
N ALA B 490 7.61 -21.31 2.05
CA ALA B 490 8.53 -20.42 2.67
C ALA B 490 9.56 -21.20 3.41
N PRO B 491 10.82 -20.61 3.37
CA PRO B 491 11.80 -21.28 4.20
C PRO B 491 11.58 -20.95 5.65
N GLY B 492 12.25 -21.65 6.55
CA GLY B 492 11.97 -21.51 7.95
C GLY B 492 10.70 -22.23 8.27
N ASN B 493 10.08 -21.88 9.38
CA ASN B 493 8.81 -22.45 9.79
C ASN B 493 7.74 -21.37 9.92
N MET B 494 7.31 -20.85 8.79
CA MET B 494 6.32 -19.79 8.72
C MET B 494 4.94 -20.30 8.94
N GLY B 495 4.18 -19.62 9.76
CA GLY B 495 2.86 -20.06 10.06
C GLY B 495 1.73 -19.09 9.94
N ARG B 496 2.04 -17.83 9.73
CA ARG B 496 1.04 -16.83 9.48
C ARG B 496 1.42 -15.91 8.37
N VAL B 497 0.41 -15.34 7.74
CA VAL B 497 0.63 -14.33 6.75
C VAL B 497 -0.31 -13.17 6.93
N PHE B 498 0.22 -11.98 6.72
CA PHE B 498 -0.58 -10.81 6.60
C PHE B 498 -0.51 -10.23 5.21
N PHE B 499 -1.66 -9.98 4.61
CA PHE B 499 -1.67 -9.44 3.27
C PHE B 499 -1.89 -7.96 3.24
N SER B 500 -1.00 -7.31 2.51
CA SER B 500 -0.98 -5.89 2.28
C SER B 500 -0.90 -5.61 0.77
N ASN B 501 -0.65 -4.38 0.37
CA ASN B 501 -0.73 -4.02 -1.03
C ASN B 501 0.52 -3.58 -1.70
N SER B 502 1.65 -3.78 -1.09
CA SER B 502 2.90 -3.37 -1.65
C SER B 502 4.04 -3.82 -0.81
N GLY B 503 5.24 -3.60 -1.28
CA GLY B 503 6.45 -3.92 -0.56
C GLY B 503 6.66 -3.19 0.75
N THR B 504 6.62 -1.88 0.66
CA THR B 504 6.70 -1.02 1.78
C THR B 504 5.67 -1.34 2.85
N GLU B 505 4.49 -1.79 2.48
CA GLU B 505 3.46 -2.11 3.45
C GLU B 505 3.72 -3.42 4.18
N ALA B 506 4.36 -4.36 3.51
CA ALA B 506 4.75 -5.62 4.09
C ALA B 506 5.87 -5.46 5.11
N VAL B 507 6.76 -4.51 4.86
CA VAL B 507 7.89 -4.24 5.73
C VAL B 507 7.37 -3.59 6.98
N GLU B 508 6.46 -2.72 6.72
CA GLU B 508 5.81 -2.01 7.73
C GLU B 508 5.06 -2.99 8.63
N ALA B 509 4.42 -3.99 8.08
CA ALA B 509 3.87 -5.06 8.88
C ALA B 509 4.93 -5.95 9.55
N ALA B 510 6.11 -6.07 8.98
CA ALA B 510 7.19 -6.77 9.66
C ALA B 510 7.62 -6.00 10.87
N MET B 511 7.74 -4.69 10.70
CA MET B 511 8.16 -3.81 11.75
C MET B 511 7.20 -3.82 12.88
N LYS B 512 5.94 -4.05 12.58
CA LYS B 512 4.94 -4.03 13.60
C LYS B 512 4.87 -5.32 14.40
N ILE B 513 5.03 -6.43 13.74
CA ILE B 513 5.21 -7.69 14.38
C ILE B 513 6.40 -7.66 15.33
N ALA B 514 7.47 -7.02 14.92
CA ALA B 514 8.69 -6.96 15.70
C ALA B 514 8.45 -6.14 16.94
N LYS B 515 7.92 -4.96 16.76
CA LYS B 515 7.62 -4.11 17.85
C LYS B 515 6.71 -4.77 18.90
N ALA B 516 5.69 -5.47 18.45
CA ALA B 516 4.70 -5.98 19.34
C ALA B 516 4.96 -7.36 19.93
N SER B 517 5.81 -8.12 19.31
CA SER B 517 6.12 -9.41 19.86
C SER B 517 7.18 -9.26 20.91
N THR B 518 8.05 -8.27 20.73
CA THR B 518 9.16 -8.06 21.61
C THR B 518 8.88 -6.96 22.61
N GLY B 519 8.16 -5.94 22.21
CA GLY B 519 7.91 -4.83 23.07
C GLY B 519 9.05 -3.85 23.09
N LYS B 520 10.01 -4.11 22.23
CA LYS B 520 11.15 -3.30 22.08
C LYS B 520 10.92 -2.53 20.84
N PRO B 521 11.27 -1.18 20.88
CA PRO B 521 10.98 -0.46 19.64
C PRO B 521 12.02 -0.50 18.55
N GLY B 522 13.19 -1.03 18.78
CA GLY B 522 14.27 -0.82 17.83
C GLY B 522 14.53 -1.89 16.84
N ILE B 523 14.89 -1.51 15.64
CA ILE B 523 15.26 -2.45 14.61
C ILE B 523 16.54 -2.07 13.92
N ALA B 524 17.48 -2.99 13.91
CA ALA B 524 18.72 -2.80 13.22
C ALA B 524 18.56 -2.98 11.72
N TYR B 525 19.35 -2.26 10.95
CA TYR B 525 19.34 -2.42 9.52
C TYR B 525 20.69 -2.12 8.97
N LEU B 526 20.93 -2.60 7.77
CA LEU B 526 22.19 -2.44 7.11
C LEU B 526 22.28 -1.25 6.19
N ARG B 527 23.46 -0.63 6.19
CA ARG B 527 23.70 0.50 5.36
C ARG B 527 23.49 0.17 3.90
N ASN B 528 22.80 1.05 3.22
CA ASN B 528 22.47 0.88 1.83
C ASN B 528 21.29 -0.02 1.58
N SER B 529 20.58 -0.35 2.64
CA SER B 529 19.35 -1.07 2.55
C SER B 529 18.24 -0.28 1.88
N TYR B 530 17.28 -0.99 1.35
CA TYR B 530 16.11 -0.37 0.80
C TYR B 530 14.90 -1.17 1.13
N HIS B 531 14.00 -0.60 1.88
CA HIS B 531 12.85 -1.29 2.35
C HIS B 531 11.55 -0.57 2.06
N GLY B 532 11.57 0.43 1.22
CA GLY B 532 10.39 1.17 0.91
C GLY B 532 10.28 2.59 1.41
N LYS B 533 9.28 3.28 0.89
CA LYS B 533 9.20 4.69 1.09
C LYS B 533 8.12 5.26 1.98
N THR B 534 7.33 4.42 2.58
CA THR B 534 6.45 4.88 3.62
C THR B 534 7.32 5.20 4.81
N LEU B 535 6.83 6.02 5.71
CA LEU B 535 7.66 6.56 6.77
C LEU B 535 8.30 5.54 7.71
N GLY B 536 7.58 4.55 8.15
CA GLY B 536 8.15 3.48 8.91
C GLY B 536 9.25 2.75 8.20
N ALA B 537 9.07 2.42 6.95
CA ALA B 537 10.06 1.67 6.21
C ALA B 537 11.29 2.47 5.92
N LEU B 538 11.09 3.76 5.79
CA LEU B 538 12.11 4.66 5.38
C LEU B 538 13.02 4.93 6.53
N SER B 539 12.50 4.76 7.74
CA SER B 539 13.26 4.87 8.96
C SER B 539 14.27 3.76 9.02
N ILE B 540 14.11 2.72 8.23
CA ILE B 540 15.08 1.66 8.20
C ILE B 540 15.66 1.48 6.83
N THR B 541 15.57 2.48 5.99
CA THR B 541 16.20 2.45 4.69
C THR B 541 17.47 3.27 4.76
N GLY B 542 18.59 2.59 4.71
CA GLY B 542 19.85 3.22 4.90
C GLY B 542 20.40 3.92 3.70
N ARG B 543 19.65 4.86 3.17
CA ARG B 543 20.11 5.65 2.07
C ARG B 543 19.62 7.07 2.17
N ASP B 544 20.57 7.97 2.23
CA ASP B 544 20.34 9.31 2.62
C ASP B 544 19.58 10.10 1.61
N LYS B 545 19.83 9.89 0.35
CA LYS B 545 19.08 10.57 -0.67
C LYS B 545 17.58 10.31 -0.56
N HIS B 546 17.16 9.33 0.23
CA HIS B 546 15.75 9.08 0.39
C HIS B 546 15.21 9.58 1.70
N ARG B 547 16.04 9.69 2.72
CA ARG B 547 15.57 10.10 4.02
C ARG B 547 15.63 11.56 4.27
N ARG B 548 16.55 12.24 3.62
CA ARG B 548 17.03 13.53 4.07
C ARG B 548 15.99 14.59 4.25
N TYR B 549 14.95 14.57 3.44
CA TYR B 549 13.89 15.52 3.51
C TYR B 549 12.85 15.29 4.57
N PHE B 550 12.87 14.14 5.19
CA PHE B 550 11.76 13.78 6.03
C PHE B 550 12.15 13.37 7.41
N THR B 551 13.24 13.95 7.89
CA THR B 551 13.69 13.81 9.26
C THR B 551 12.94 14.75 10.18
N PRO B 552 12.69 14.43 11.52
CA PRO B 552 13.16 13.09 11.96
C PRO B 552 12.25 11.88 11.76
N LEU B 553 12.88 10.77 11.39
CA LEU B 553 12.23 9.48 11.26
C LEU B 553 12.13 8.78 12.60
N LEU B 554 11.77 7.51 12.60
CA LEU B 554 11.49 6.78 13.81
C LEU B 554 12.69 6.48 14.66
N ASP B 555 12.50 6.56 15.96
CA ASP B 555 13.57 6.38 16.90
C ASP B 555 13.84 4.94 17.21
N ALA B 556 15.05 4.68 17.68
CA ALA B 556 15.46 3.38 18.12
C ALA B 556 15.81 2.46 16.97
N MET B 557 16.06 3.02 15.82
CA MET B 557 16.47 2.24 14.69
C MET B 557 17.93 2.48 14.46
N VAL B 558 18.72 1.43 14.51
CA VAL B 558 20.16 1.49 14.35
C VAL B 558 20.69 1.07 13.02
N GLU B 559 21.28 1.95 12.25
CA GLU B 559 22.02 1.52 11.07
C GLU B 559 23.36 0.87 11.37
N VAL B 560 23.57 -0.35 10.88
CA VAL B 560 24.82 -1.05 11.03
C VAL B 560 25.50 -1.30 9.71
N PRO B 561 26.89 -1.11 9.69
CA PRO B 561 27.48 -1.18 8.35
C PRO B 561 27.39 -2.55 7.77
N PHE B 562 27.51 -2.65 6.48
CA PHE B 562 27.29 -3.89 5.81
C PHE B 562 28.57 -4.68 5.72
N GLY B 563 28.49 -5.94 6.11
CA GLY B 563 29.63 -6.81 6.12
C GLY B 563 30.20 -7.01 7.51
N ASP B 564 29.84 -6.13 8.40
CA ASP B 564 30.46 -5.97 9.69
C ASP B 564 29.74 -6.70 10.80
N LEU B 565 30.30 -7.81 11.24
CA LEU B 565 29.68 -8.63 12.27
C LEU B 565 29.75 -8.05 13.65
N ALA B 566 30.79 -7.30 13.91
CA ALA B 566 31.03 -6.78 15.23
C ALA B 566 30.22 -5.56 15.49
N ALA B 567 30.10 -4.72 14.48
CA ALA B 567 29.20 -3.59 14.56
C ALA B 567 27.83 -4.11 14.83
N LEU B 568 27.56 -5.26 14.27
CA LEU B 568 26.26 -5.83 14.32
C LEU B 568 25.98 -6.31 15.72
N ARG B 569 26.84 -7.19 16.22
CA ARG B 569 26.66 -7.79 17.53
C ARG B 569 26.52 -6.71 18.52
N GLU B 570 27.31 -5.68 18.34
CA GLU B 570 27.24 -4.54 19.21
C GLU B 570 25.83 -4.03 19.22
N ALA B 571 25.29 -3.75 18.04
CA ALA B 571 23.98 -3.16 17.93
C ALA B 571 22.90 -4.09 18.40
N LEU B 572 23.01 -5.35 18.02
CA LEU B 572 22.04 -6.32 18.43
C LEU B 572 21.90 -6.48 19.94
N ASN B 573 22.93 -6.15 20.69
CA ASN B 573 22.87 -6.26 22.14
C ASN B 573 22.11 -5.17 22.84
N ARG B 574 21.93 -4.03 22.22
CA ARG B 574 21.15 -2.98 22.84
C ARG B 574 19.84 -3.52 23.37
N GLU B 575 19.43 -3.01 24.49
CA GLU B 575 18.23 -3.48 25.17
C GLU B 575 17.00 -3.03 24.39
N ASP B 576 17.25 -2.12 23.49
CA ASP B 576 16.31 -1.34 22.76
C ASP B 576 15.85 -2.06 21.50
N VAL B 577 16.64 -3.00 21.04
CA VAL B 577 16.53 -3.56 19.72
C VAL B 577 15.93 -4.93 19.80
N GLY B 578 14.86 -5.14 19.06
CA GLY B 578 14.22 -6.43 19.05
C GLY B 578 14.43 -7.20 17.79
N ALA B 579 14.86 -6.55 16.74
CA ALA B 579 14.89 -7.20 15.46
C ALA B 579 15.86 -6.59 14.54
N LEU B 580 16.22 -7.38 13.57
CA LEU B 580 17.08 -6.96 12.53
C LEU B 580 16.41 -7.24 11.22
N MET B 581 16.67 -6.41 10.24
CA MET B 581 16.10 -6.58 8.94
C MET B 581 17.20 -6.59 7.93
N ILE B 582 17.09 -7.45 6.94
CA ILE B 582 18.11 -7.60 5.91
C ILE B 582 17.49 -8.03 4.59
N GLU B 583 18.18 -7.77 3.51
CA GLU B 583 17.93 -8.36 2.22
C GLU B 583 19.00 -9.39 1.92
N PRO B 584 18.65 -10.48 1.27
CA PRO B 584 19.67 -11.45 0.86
C PRO B 584 20.69 -10.92 -0.17
N ILE B 585 20.32 -10.02 -1.03
CA ILE B 585 21.25 -9.30 -1.84
C ILE B 585 20.71 -7.90 -1.76
N GLN B 586 21.53 -6.92 -1.44
CA GLN B 586 21.05 -5.54 -1.40
C GLN B 586 20.75 -5.03 -2.78
N GLY B 587 19.49 -4.75 -3.03
CA GLY B 587 19.05 -4.33 -4.34
C GLY B 587 19.55 -3.00 -4.79
N GLU B 588 19.13 -1.96 -4.10
CA GLU B 588 19.47 -0.63 -4.48
C GLU B 588 20.83 -0.28 -4.02
N GLY B 589 21.56 -1.20 -3.44
CA GLY B 589 22.94 -0.95 -3.10
C GLY B 589 23.96 -1.59 -4.02
N GLY B 590 23.66 -1.67 -5.31
CA GLY B 590 24.62 -2.23 -6.25
C GLY B 590 24.78 -3.72 -6.48
N VAL B 591 23.75 -4.49 -6.21
CA VAL B 591 23.77 -5.93 -6.39
C VAL B 591 25.01 -6.63 -5.81
N HIS B 592 25.13 -6.61 -4.50
CA HIS B 592 26.23 -7.24 -3.83
C HIS B 592 25.83 -8.45 -3.09
N ILE B 593 26.34 -9.57 -3.55
CA ILE B 593 26.19 -10.82 -2.87
C ILE B 593 26.93 -10.62 -1.60
N PRO B 594 26.37 -10.97 -0.47
CA PRO B 594 27.17 -10.72 0.72
C PRO B 594 28.40 -11.61 0.78
N PRO B 595 29.40 -11.16 1.65
CA PRO B 595 30.53 -12.08 1.81
C PRO B 595 30.24 -13.48 2.30
N ALA B 596 31.11 -14.34 1.86
CA ALA B 596 31.01 -15.79 1.94
C ALA B 596 30.32 -16.50 3.08
N GLY B 597 30.55 -16.11 4.32
CA GLY B 597 29.79 -16.69 5.41
C GLY B 597 28.88 -15.78 6.19
N TYR B 598 28.71 -14.56 5.73
CA TYR B 598 28.03 -13.54 6.48
C TYR B 598 26.62 -13.87 6.94
N LEU B 599 25.75 -14.30 6.04
CA LEU B 599 24.36 -14.42 6.36
C LEU B 599 24.11 -15.48 7.35
N GLN B 600 24.80 -16.59 7.19
CA GLN B 600 24.66 -17.67 8.14
C GLN B 600 25.20 -17.24 9.49
N ALA B 601 26.21 -16.40 9.53
CA ALA B 601 26.70 -15.89 10.78
C ALA B 601 25.71 -14.96 11.46
N VAL B 602 25.14 -14.03 10.70
CA VAL B 602 24.07 -13.17 11.19
C VAL B 602 22.97 -14.00 11.79
N GLN B 603 22.56 -15.06 11.12
CA GLN B 603 21.49 -15.86 11.64
C GLN B 603 21.83 -16.34 13.03
N GLN B 604 23.07 -16.79 13.23
CA GLN B 604 23.45 -17.34 14.49
C GLN B 604 23.74 -16.25 15.47
N LEU B 605 24.11 -15.09 15.00
CA LEU B 605 24.22 -13.93 15.86
C LEU B 605 22.83 -13.55 16.40
N CYS B 606 21.85 -13.43 15.52
CA CYS B 606 20.49 -13.19 15.93
C CYS B 606 19.93 -14.18 16.95
N ARG B 607 20.30 -15.44 16.86
CA ARG B 607 19.89 -16.45 17.82
C ARG B 607 20.59 -16.24 19.15
N GLU B 608 21.90 -16.11 19.08
CA GLU B 608 22.73 -15.77 20.22
C GLU B 608 22.09 -14.69 21.04
N THR B 609 21.66 -13.65 20.37
CA THR B 609 21.19 -12.46 21.05
C THR B 609 19.69 -12.36 21.27
N GLY B 610 18.92 -13.35 20.84
CA GLY B 610 17.49 -13.30 20.98
C GLY B 610 16.84 -12.18 20.21
N VAL B 611 17.47 -11.73 19.14
CA VAL B 611 16.94 -10.72 18.24
C VAL B 611 16.31 -11.39 17.01
N LEU B 612 15.14 -10.94 16.61
CA LEU B 612 14.46 -11.50 15.45
C LEU B 612 15.23 -11.31 14.18
N LEU B 613 15.18 -12.30 13.33
CA LEU B 613 15.70 -12.15 12.01
C LEU B 613 14.60 -11.85 11.01
N MET B 614 14.68 -10.72 10.35
CA MET B 614 13.68 -10.35 9.38
C MET B 614 14.24 -10.19 8.01
N VAL B 615 13.72 -10.93 7.06
CA VAL B 615 14.25 -10.91 5.72
C VAL B 615 13.32 -10.34 4.67
N ASP B 616 13.74 -9.24 4.10
CA ASP B 616 13.06 -8.62 3.01
C ASP B 616 13.44 -9.31 1.73
N GLU B 617 12.59 -10.19 1.26
CA GLU B 617 12.80 -10.81 -0.02
C GLU B 617 11.84 -10.23 -1.07
N VAL B 618 11.50 -8.97 -0.98
CA VAL B 618 10.60 -8.32 -1.91
C VAL B 618 11.13 -8.36 -3.34
N GLN B 619 12.42 -8.26 -3.47
CA GLN B 619 13.06 -8.16 -4.71
C GLN B 619 13.65 -9.48 -5.11
N THR B 620 14.11 -10.25 -4.15
CA THR B 620 14.83 -11.46 -4.45
C THR B 620 13.99 -12.68 -4.47
N GLY B 621 12.76 -12.59 -4.02
CA GLY B 621 11.87 -13.71 -3.98
C GLY B 621 11.32 -14.11 -5.32
N LEU B 622 10.63 -15.22 -5.35
CA LEU B 622 9.93 -15.68 -6.54
C LEU B 622 10.75 -16.00 -7.78
N GLY B 623 11.95 -16.49 -7.59
CA GLY B 623 12.78 -16.93 -8.68
C GLY B 623 13.82 -16.00 -9.20
N ARG B 624 13.91 -14.79 -8.70
CA ARG B 624 14.83 -13.82 -9.24
C ARG B 624 16.32 -14.20 -9.22
N THR B 625 16.79 -14.86 -8.17
CA THR B 625 18.19 -15.18 -8.06
C THR B 625 18.50 -16.61 -8.40
N GLY B 626 17.49 -17.36 -8.73
CA GLY B 626 17.67 -18.71 -9.15
C GLY B 626 17.30 -19.71 -8.11
N LYS B 627 16.75 -19.26 -6.99
CA LYS B 627 16.14 -20.09 -6.00
C LYS B 627 14.79 -19.47 -5.73
N LEU B 628 13.80 -20.28 -5.43
CA LEU B 628 12.47 -19.79 -5.22
C LEU B 628 12.42 -18.63 -4.23
N PHE B 629 13.34 -18.66 -3.28
CA PHE B 629 13.51 -17.63 -2.31
C PHE B 629 14.99 -17.58 -2.19
N ALA B 630 15.55 -16.41 -2.12
CA ALA B 630 16.99 -16.26 -2.12
C ALA B 630 17.66 -16.77 -0.86
N CYS B 631 16.92 -16.87 0.21
CA CYS B 631 17.34 -17.45 1.47
C CYS B 631 17.98 -18.79 1.30
N GLU B 632 17.49 -19.51 0.31
CA GLU B 632 17.92 -20.85 -0.03
C GLU B 632 19.41 -20.95 -0.31
N TRP B 633 20.00 -19.89 -0.82
CA TRP B 633 21.39 -19.94 -1.20
C TRP B 633 22.24 -20.16 0.02
N ASP B 634 21.76 -19.76 1.17
CA ASP B 634 22.57 -19.83 2.37
C ASP B 634 21.84 -20.42 3.52
N GLY B 635 20.77 -21.14 3.21
CA GLY B 635 19.92 -21.79 4.18
C GLY B 635 19.49 -20.89 5.31
N ILE B 636 19.21 -19.64 5.00
CA ILE B 636 18.69 -18.74 6.00
C ILE B 636 17.29 -19.18 6.45
N GLU B 637 17.04 -19.13 7.74
CA GLU B 637 15.71 -19.41 8.22
C GLU B 637 15.09 -18.22 8.94
N PRO B 638 14.37 -17.36 8.10
CA PRO B 638 13.86 -16.16 8.78
C PRO B 638 12.83 -16.36 9.86
N ASP B 639 12.67 -15.37 10.71
CA ASP B 639 11.62 -15.27 11.67
C ASP B 639 10.43 -14.62 10.99
N VAL B 640 10.73 -13.72 10.10
CA VAL B 640 9.77 -12.92 9.43
C VAL B 640 10.29 -12.75 8.04
N LEU B 641 9.46 -12.97 7.06
CA LEU B 641 9.85 -12.82 5.69
C LEU B 641 8.89 -11.93 4.91
N MET B 642 9.40 -11.05 4.08
CA MET B 642 8.56 -10.20 3.25
C MET B 642 8.57 -10.53 1.77
N LEU B 643 7.46 -10.31 1.09
CA LEU B 643 7.25 -10.62 -0.31
C LEU B 643 6.36 -9.60 -1.01
N SER B 644 6.68 -9.23 -2.21
CA SER B 644 5.80 -8.44 -3.01
C SER B 644 6.32 -8.44 -4.44
N LYS B 645 6.30 -7.30 -5.08
CA LYS B 645 6.65 -7.12 -6.48
C LYS B 645 6.06 -8.21 -7.40
N SER B 646 6.82 -9.24 -7.67
CA SER B 646 6.44 -10.20 -8.66
C SER B 646 5.29 -11.07 -8.22
N LEU B 647 4.84 -10.90 -7.00
CA LEU B 647 3.72 -11.62 -6.47
C LEU B 647 2.42 -11.16 -7.13
N SER B 648 2.48 -10.05 -7.81
CA SER B 648 1.36 -9.45 -8.49
C SER B 648 1.10 -10.08 -9.86
N GLY B 649 1.94 -11.03 -10.19
CA GLY B 649 2.02 -11.49 -11.53
C GLY B 649 2.08 -10.37 -12.53
N GLY B 650 2.45 -9.19 -12.10
CA GLY B 650 2.43 -8.01 -12.91
C GLY B 650 1.07 -7.46 -13.21
N LEU B 651 0.11 -7.71 -12.35
CA LEU B 651 -1.24 -7.28 -12.60
C LEU B 651 -1.85 -6.50 -11.43
N ILE B 652 -1.80 -7.10 -10.26
CA ILE B 652 -2.55 -6.64 -9.14
C ILE B 652 -1.67 -6.44 -7.91
N PRO B 653 -1.70 -5.13 -7.41
CA PRO B 653 -0.85 -4.91 -6.24
C PRO B 653 -1.08 -5.78 -5.03
N ILE B 654 -0.04 -6.39 -4.49
CA ILE B 654 -0.15 -7.28 -3.36
C ILE B 654 1.14 -7.34 -2.56
N GLY B 655 1.01 -7.44 -1.26
CA GLY B 655 2.12 -7.66 -0.39
C GLY B 655 1.91 -8.79 0.58
N ALA B 656 2.96 -9.47 1.00
CA ALA B 656 2.83 -10.53 1.96
C ALA B 656 3.88 -10.54 3.03
N THR B 657 3.44 -10.78 4.24
CA THR B 657 4.32 -10.85 5.38
C THR B 657 4.10 -12.12 6.14
N LEU B 658 5.11 -12.94 6.17
CA LEU B 658 5.06 -14.21 6.84
C LEU B 658 5.89 -14.24 8.09
N CYS B 659 5.38 -14.88 9.11
CA CYS B 659 6.11 -15.04 10.35
C CYS B 659 5.85 -16.40 11.01
N ARG B 660 6.62 -16.72 12.06
CA ARG B 660 6.40 -17.89 12.88
C ARG B 660 5.13 -17.67 13.61
N ALA B 661 4.39 -18.73 13.84
CA ALA B 661 3.16 -18.63 14.56
C ALA B 661 3.27 -18.18 16.02
N ASP B 662 4.33 -18.58 16.71
CA ASP B 662 4.49 -18.20 18.09
C ASP B 662 4.89 -16.76 18.21
N LEU B 663 5.40 -16.22 17.12
CA LEU B 663 5.68 -14.82 17.02
C LEU B 663 4.39 -14.05 16.94
N TRP B 664 3.51 -14.44 16.04
CA TRP B 664 2.22 -13.82 15.90
C TRP B 664 1.42 -13.87 17.19
N GLN B 665 1.49 -14.97 17.89
CA GLN B 665 0.76 -15.06 19.14
C GLN B 665 1.22 -14.04 20.11
N LYS B 666 2.51 -13.80 20.10
CA LYS B 666 3.06 -12.86 21.03
C LYS B 666 2.67 -11.44 20.68
N ALA B 667 2.70 -11.13 19.40
CA ALA B 667 2.30 -9.84 18.91
C ALA B 667 0.81 -9.61 18.97
N TYR B 668 0.04 -10.57 18.53
CA TYR B 668 -1.33 -10.28 18.23
C TYR B 668 -2.37 -11.19 18.80
N GLY B 669 -1.94 -12.26 19.44
CA GLY B 669 -2.86 -13.27 19.89
C GLY B 669 -3.66 -12.96 21.11
N THR B 670 -4.40 -11.88 21.10
CA THR B 670 -5.20 -11.52 22.23
C THR B 670 -6.42 -10.84 21.77
N ALA B 671 -7.36 -10.66 22.65
CA ALA B 671 -8.61 -10.03 22.35
C ALA B 671 -8.49 -8.59 21.89
N ASP B 672 -7.49 -7.91 22.38
CA ASP B 672 -7.33 -6.54 22.07
C ASP B 672 -6.45 -6.36 20.85
N ARG B 673 -5.58 -7.32 20.59
CA ARG B 673 -4.56 -7.13 19.59
C ARG B 673 -4.74 -7.80 18.24
N PHE B 674 -5.72 -8.66 18.10
CA PHE B 674 -5.81 -9.48 16.90
C PHE B 674 -6.29 -8.77 15.66
N LEU B 675 -6.87 -7.61 15.82
CA LEU B 675 -7.18 -6.79 14.70
C LEU B 675 -6.42 -5.47 14.62
N VAL B 676 -5.39 -5.34 15.41
CA VAL B 676 -4.67 -4.09 15.51
C VAL B 676 -3.99 -3.70 14.23
N HIS B 677 -3.47 -4.66 13.50
CA HIS B 677 -2.97 -4.41 12.21
C HIS B 677 -3.92 -4.96 11.20
N SER B 678 -4.23 -4.16 10.22
CA SER B 678 -5.25 -4.47 9.22
C SER B 678 -5.15 -3.52 8.04
N SER B 679 -5.97 -3.71 7.04
CA SER B 679 -5.82 -3.04 5.80
C SER B 679 -7.11 -3.17 5.10
N THR B 680 -7.55 -2.16 4.38
CA THR B 680 -8.80 -2.26 3.69
C THR B 680 -8.71 -3.17 2.50
N TYR B 681 -7.65 -3.05 1.74
CA TYR B 681 -7.50 -3.84 0.56
C TYR B 681 -6.79 -5.12 0.86
N GLY B 682 -5.98 -5.14 1.89
CA GLY B 682 -5.13 -6.27 2.16
C GLY B 682 -5.81 -7.57 2.44
N GLY B 683 -5.54 -8.54 1.61
CA GLY B 683 -6.12 -9.84 1.71
C GLY B 683 -7.40 -10.02 0.95
N GLY B 684 -7.65 -9.18 -0.02
CA GLY B 684 -8.72 -9.41 -0.96
C GLY B 684 -8.57 -10.65 -1.83
N ASN B 685 -9.66 -11.34 -2.08
CA ASN B 685 -9.64 -12.56 -2.86
C ASN B 685 -9.01 -12.44 -4.25
N LEU B 686 -9.31 -11.38 -4.97
CA LEU B 686 -8.81 -11.13 -6.30
C LEU B 686 -7.31 -11.15 -6.48
N ALA B 687 -6.61 -10.33 -5.72
CA ALA B 687 -5.18 -10.32 -5.66
C ALA B 687 -4.57 -11.66 -5.31
N SER B 688 -5.22 -12.38 -4.43
CA SER B 688 -4.79 -13.68 -3.98
C SER B 688 -4.88 -14.71 -5.07
N VAL B 689 -5.95 -14.64 -5.86
CA VAL B 689 -6.18 -15.42 -7.08
C VAL B 689 -5.08 -15.19 -8.13
N VAL B 690 -4.70 -13.95 -8.28
CA VAL B 690 -3.68 -13.61 -9.18
C VAL B 690 -2.35 -14.13 -8.66
N ALA B 691 -2.06 -13.92 -7.40
CA ALA B 691 -0.83 -14.33 -6.81
C ALA B 691 -0.64 -15.82 -6.84
N LEU B 692 -1.69 -16.55 -6.56
CA LEU B 692 -1.69 -17.97 -6.64
C LEU B 692 -1.37 -18.48 -8.02
N SER B 693 -2.03 -17.93 -9.00
CA SER B 693 -1.78 -18.25 -10.37
C SER B 693 -0.35 -17.97 -10.83
N ALA B 694 0.20 -16.85 -10.42
CA ALA B 694 1.53 -16.49 -10.80
C ALA B 694 2.59 -17.36 -10.15
N LEU B 695 2.36 -17.79 -8.92
CA LEU B 695 3.19 -18.76 -8.29
C LEU B 695 3.19 -20.04 -9.04
N ARG B 696 2.02 -20.46 -9.44
CA ARG B 696 1.84 -21.67 -10.13
C ARG B 696 2.63 -21.64 -11.42
N GLU B 697 2.69 -20.50 -12.05
CA GLU B 697 3.37 -20.38 -13.29
C GLU B 697 4.86 -20.45 -13.14
N ILE B 698 5.41 -19.75 -12.16
CA ILE B 698 6.83 -19.79 -11.86
C ILE B 698 7.28 -21.22 -11.68
N LEU B 699 6.47 -22.01 -11.04
CA LEU B 699 6.78 -23.38 -10.78
C LEU B 699 6.58 -24.22 -12.03
N ALA B 700 5.50 -23.98 -12.74
CA ALA B 700 5.12 -24.81 -13.85
C ALA B 700 6.00 -24.62 -15.04
N GLN B 701 6.63 -23.47 -15.14
CA GLN B 701 7.52 -23.16 -16.23
C GLN B 701 8.98 -23.27 -15.89
N ASP B 702 9.32 -23.91 -14.77
CA ASP B 702 10.72 -24.16 -14.33
C ASP B 702 11.53 -22.88 -14.34
N LEU B 703 10.87 -21.80 -14.00
CA LEU B 703 11.43 -20.49 -14.15
C LEU B 703 12.53 -20.12 -13.18
N VAL B 704 12.61 -20.84 -12.08
CA VAL B 704 13.65 -20.69 -11.11
C VAL B 704 14.94 -21.32 -11.63
N GLY B 705 14.81 -22.46 -12.27
CA GLY B 705 15.93 -23.11 -12.89
C GLY B 705 16.44 -22.34 -14.08
N HIS B 706 15.51 -21.81 -14.84
CA HIS B 706 15.78 -20.98 -15.97
C HIS B 706 16.55 -19.74 -15.55
N ALA B 707 16.16 -19.13 -14.45
CA ALA B 707 16.83 -17.95 -13.99
C ALA B 707 18.25 -18.29 -13.65
N GLU B 708 18.42 -19.39 -12.95
CA GLU B 708 19.73 -19.82 -12.58
C GLU B 708 20.63 -20.06 -13.76
N ARG B 709 20.09 -20.80 -14.71
CA ARG B 709 20.79 -21.31 -15.84
C ARG B 709 21.05 -20.20 -16.79
N MET B 710 20.02 -19.46 -17.12
CA MET B 710 20.14 -18.31 -17.96
C MET B 710 20.99 -17.26 -17.31
N GLY B 711 20.85 -17.15 -16.00
CA GLY B 711 21.58 -16.21 -15.21
C GLY B 711 23.06 -16.42 -15.30
N ALA B 712 23.47 -17.65 -15.10
CA ALA B 712 24.87 -17.97 -15.13
C ALA B 712 25.49 -17.64 -16.48
N TYR B 713 24.74 -17.85 -17.52
CA TYR B 713 25.19 -17.66 -18.86
C TYR B 713 25.36 -16.21 -19.23
N PHE B 714 24.36 -15.42 -18.88
CA PHE B 714 24.31 -13.98 -19.02
C PHE B 714 25.47 -13.34 -18.28
N LYS B 715 25.68 -13.75 -17.04
CA LYS B 715 26.74 -13.25 -16.26
C LYS B 715 28.07 -13.49 -16.94
N GLN B 716 28.26 -14.73 -17.41
CA GLN B 716 29.51 -15.08 -18.04
C GLN B 716 29.72 -14.19 -19.20
N ALA B 717 28.67 -14.01 -19.95
CA ALA B 717 28.77 -13.36 -21.24
C ALA B 717 29.09 -11.91 -21.04
N LEU B 718 28.49 -11.32 -20.03
CA LEU B 718 28.78 -9.95 -19.69
C LEU B 718 30.15 -9.81 -19.11
N SER B 719 30.63 -10.86 -18.47
CA SER B 719 31.97 -10.85 -17.93
C SER B 719 33.00 -10.80 -19.03
N GLU B 720 32.80 -11.59 -20.08
CA GLU B 720 33.73 -11.59 -21.18
C GLU B 720 33.93 -10.16 -21.61
N ILE B 721 32.87 -9.44 -21.91
CA ILE B 721 33.00 -8.09 -22.43
C ILE B 721 33.69 -7.12 -21.52
N ALA B 722 33.27 -7.06 -20.27
CA ALA B 722 33.76 -6.08 -19.31
C ALA B 722 35.24 -6.15 -18.91
N ALA B 723 35.89 -7.25 -19.23
CA ALA B 723 37.29 -7.39 -18.96
C ALA B 723 37.98 -6.75 -20.16
N ARG B 724 37.19 -6.37 -21.15
CA ARG B 724 37.73 -5.76 -22.32
C ARG B 724 37.77 -4.25 -22.17
N TYR B 725 37.27 -3.77 -21.05
CA TYR B 725 37.15 -2.36 -20.83
C TYR B 725 37.40 -2.05 -19.38
N PRO B 726 38.01 -0.82 -19.11
CA PRO B 726 38.27 -0.58 -17.69
C PRO B 726 37.29 0.36 -16.96
N PHE B 727 36.38 0.94 -17.72
CA PHE B 727 35.32 1.72 -17.12
C PHE B 727 34.22 0.81 -16.64
N VAL B 728 34.22 -0.40 -17.17
CA VAL B 728 33.38 -1.46 -16.68
C VAL B 728 34.20 -2.25 -15.72
N SER B 729 33.93 -2.11 -14.45
CA SER B 729 34.75 -2.72 -13.44
C SER B 729 34.28 -4.10 -13.07
N GLU B 730 33.03 -4.23 -12.65
CA GLU B 730 32.48 -5.45 -12.04
C GLU B 730 31.10 -5.88 -12.58
N VAL B 731 30.85 -7.19 -12.65
CA VAL B 731 29.51 -7.72 -12.91
C VAL B 731 29.04 -8.70 -11.85
N ARG B 732 28.00 -8.35 -11.15
CA ARG B 732 27.63 -9.03 -9.95
C ARG B 732 26.19 -9.47 -10.02
N GLY B 733 25.79 -10.36 -9.14
CA GLY B 733 24.46 -10.86 -9.14
C GLY B 733 24.43 -12.35 -9.14
N ARG B 734 23.27 -12.91 -8.86
CA ARG B 734 22.97 -14.30 -8.93
C ARG B 734 21.75 -14.43 -9.78
N GLY B 735 21.67 -15.46 -10.59
CA GLY B 735 20.52 -15.67 -11.44
C GLY B 735 20.26 -14.51 -12.37
N LEU B 736 19.06 -13.98 -12.33
CA LEU B 736 18.74 -12.84 -13.15
C LEU B 736 18.61 -11.52 -12.41
N MET B 737 19.28 -11.41 -11.27
CA MET B 737 19.51 -10.14 -10.60
C MET B 737 20.93 -9.65 -10.76
N LEU B 738 21.15 -8.86 -11.78
CA LEU B 738 22.47 -8.51 -12.16
C LEU B 738 22.71 -7.05 -12.15
N GLY B 739 23.96 -6.67 -12.11
CA GLY B 739 24.31 -5.29 -12.11
C GLY B 739 25.63 -5.15 -12.78
N ILE B 740 25.82 -4.05 -13.46
CA ILE B 740 27.10 -3.76 -14.04
C ILE B 740 27.66 -2.50 -13.40
N GLN B 741 28.89 -2.58 -12.92
CA GLN B 741 29.54 -1.44 -12.30
C GLN B 741 30.40 -0.68 -13.26
N PHE B 742 30.60 0.59 -12.99
CA PHE B 742 31.37 1.46 -13.85
C PHE B 742 32.50 2.20 -13.17
N ASP B 743 33.47 2.59 -13.98
CA ASP B 743 34.38 3.69 -13.67
C ASP B 743 34.86 4.25 -14.97
N TRP B 765 44.57 35.84 -12.67
CA TRP B 765 44.03 34.50 -12.79
C TRP B 765 44.59 33.61 -11.71
N HIS B 766 45.84 33.81 -11.37
CA HIS B 766 46.36 33.20 -10.18
C HIS B 766 45.82 33.94 -9.00
N THR B 767 46.16 35.21 -8.94
CA THR B 767 45.81 36.05 -7.84
C THR B 767 44.33 36.20 -7.84
N THR B 768 43.71 36.05 -8.99
CA THR B 768 42.26 36.16 -9.02
C THR B 768 41.71 35.15 -8.06
N TRP B 769 41.96 33.88 -8.29
CA TRP B 769 41.50 32.84 -7.40
C TRP B 769 41.94 33.10 -5.99
N LYS B 770 43.21 33.41 -5.84
CA LYS B 770 43.85 33.68 -4.58
C LYS B 770 43.14 34.66 -3.66
N PHE B 771 42.58 35.70 -4.24
CA PHE B 771 42.01 36.76 -3.46
C PHE B 771 40.50 36.75 -3.38
N LEU B 772 39.92 35.64 -3.83
CA LEU B 772 38.51 35.42 -3.73
C LEU B 772 38.21 35.20 -2.28
N PRO B 773 37.01 35.78 -1.85
CA PRO B 773 36.68 35.49 -0.45
C PRO B 773 36.68 34.02 -0.19
N ASP B 774 36.99 33.64 1.02
CA ASP B 774 37.09 32.25 1.38
C ASP B 774 35.80 31.52 1.10
N PRO B 775 34.63 32.10 1.63
CA PRO B 775 33.41 31.37 1.29
C PRO B 775 33.32 31.10 -0.20
N VAL B 776 33.66 32.05 -1.05
CA VAL B 776 33.56 31.83 -2.47
C VAL B 776 34.37 30.64 -2.89
N GLN B 777 35.60 30.51 -2.41
CA GLN B 777 36.45 29.39 -2.75
C GLN B 777 35.86 28.08 -2.31
N ALA B 778 35.26 28.08 -1.14
CA ALA B 778 34.70 26.90 -0.55
C ALA B 778 33.41 26.45 -1.23
N HIS B 779 32.76 27.34 -1.95
CA HIS B 779 31.56 27.00 -2.62
C HIS B 779 31.85 26.51 -3.99
N LEU B 780 32.82 27.11 -4.64
CA LEU B 780 33.18 26.68 -5.95
C LEU B 780 33.94 25.36 -5.88
N ARG B 781 34.59 25.11 -4.77
CA ARG B 781 35.28 23.86 -4.61
C ARG B 781 34.34 22.72 -4.40
N ALA B 782 33.38 22.95 -3.53
CA ALA B 782 32.38 21.98 -3.16
C ALA B 782 31.54 21.56 -4.34
N ALA B 783 31.14 22.54 -5.14
CA ALA B 783 30.45 22.31 -6.37
C ALA B 783 31.30 21.62 -7.37
N MET B 784 32.50 22.10 -7.57
CA MET B 784 33.36 21.55 -8.58
C MET B 784 33.52 20.09 -8.31
N ASP B 785 33.50 19.75 -7.05
CA ASP B 785 33.76 18.40 -6.65
C ASP B 785 32.53 17.59 -6.95
N ARG B 786 31.42 18.01 -6.36
CA ARG B 786 30.14 17.36 -6.51
C ARG B 786 29.86 17.05 -7.97
N MET B 787 30.37 17.87 -8.87
CA MET B 787 30.27 17.58 -10.28
C MET B 787 31.14 16.36 -10.57
N GLU B 788 32.22 16.20 -9.85
CA GLU B 788 33.16 15.15 -10.14
C GLU B 788 32.39 13.86 -10.08
N GLN B 789 31.78 13.61 -8.96
CA GLN B 789 30.88 12.49 -8.83
C GLN B 789 29.84 12.33 -9.94
N ALA B 790 29.11 13.39 -10.15
CA ALA B 790 28.09 13.51 -11.16
C ALA B 790 28.55 13.15 -12.56
N LEU B 791 29.81 13.38 -12.89
CA LEU B 791 30.28 13.11 -14.23
C LEU B 791 30.24 11.63 -14.48
N GLY B 792 30.25 10.87 -13.41
CA GLY B 792 30.17 9.43 -13.48
C GLY B 792 28.74 8.94 -13.40
N GLU B 793 27.85 9.81 -12.99
CA GLU B 793 26.46 9.50 -13.01
C GLU B 793 26.06 9.56 -14.46
N MET B 794 26.62 10.53 -15.16
CA MET B 794 26.23 10.81 -16.51
C MET B 794 26.82 9.83 -17.47
N PHE B 795 27.83 9.14 -17.04
CA PHE B 795 28.46 8.16 -17.88
C PHE B 795 27.60 6.94 -17.95
N CYS B 796 27.23 6.39 -16.80
CA CYS B 796 26.26 5.32 -16.74
C CYS B 796 25.01 5.68 -17.53
N MET B 797 24.46 6.85 -17.24
CA MET B 797 23.20 7.23 -17.81
C MET B 797 23.29 7.32 -19.30
N LYS B 798 24.45 7.65 -19.79
CA LYS B 798 24.65 7.71 -21.20
C LYS B 798 24.47 6.36 -21.77
N PHE B 799 24.94 5.36 -21.05
CA PHE B 799 24.87 4.00 -21.53
C PHE B 799 23.45 3.53 -21.65
N VAL B 800 22.63 3.96 -20.72
CA VAL B 800 21.22 3.71 -20.72
C VAL B 800 20.53 4.36 -21.89
N THR B 801 20.83 5.62 -22.15
CA THR B 801 20.28 6.32 -23.26
C THR B 801 20.62 5.54 -24.49
N LYS B 802 21.87 5.17 -24.64
CA LYS B 802 22.31 4.52 -25.84
C LYS B 802 21.60 3.23 -26.07
N LEU B 803 21.53 2.38 -25.08
CA LEU B 803 20.71 1.19 -25.19
C LEU B 803 19.28 1.50 -25.64
N CYS B 804 18.64 2.49 -25.05
CA CYS B 804 17.31 2.85 -25.47
C CYS B 804 17.23 3.38 -26.88
N GLN B 805 17.94 4.44 -27.17
CA GLN B 805 17.74 5.19 -28.40
C GLN B 805 18.10 4.44 -29.68
N ASP B 806 19.13 3.63 -29.61
CA ASP B 806 19.68 3.04 -30.78
C ASP B 806 19.31 1.58 -30.89
N HIS B 807 19.10 0.92 -29.77
CA HIS B 807 18.85 -0.49 -29.81
C HIS B 807 17.49 -0.91 -29.30
N LYS B 808 16.71 0.04 -28.82
CA LYS B 808 15.45 -0.26 -28.18
C LYS B 808 15.51 -1.29 -27.05
N ILE B 809 16.38 -1.05 -26.10
CA ILE B 809 16.50 -1.88 -24.93
C ILE B 809 16.36 -1.01 -23.67
N LEU B 810 15.56 -1.46 -22.73
CA LEU B 810 15.35 -0.70 -21.50
C LEU B 810 16.11 -1.26 -20.33
N THR B 811 16.80 -0.37 -19.65
CA THR B 811 17.60 -0.62 -18.45
C THR B 811 17.43 0.55 -17.52
N PHE B 812 17.79 0.39 -16.27
CA PHE B 812 17.96 1.53 -15.40
C PHE B 812 19.07 1.43 -14.38
N ILE B 813 19.25 2.48 -13.62
CA ILE B 813 20.25 2.57 -12.57
C ILE B 813 19.60 2.43 -11.20
N THR B 814 20.20 1.69 -10.31
CA THR B 814 19.55 1.37 -9.02
C THR B 814 19.10 2.58 -8.32
N ALA B 815 18.12 2.46 -7.43
CA ALA B 815 17.58 3.61 -6.74
C ALA B 815 18.56 4.31 -5.76
N ASN B 816 19.30 3.57 -4.97
CA ASN B 816 20.32 4.15 -4.10
C ASN B 816 21.55 4.59 -4.89
N SER B 817 22.16 3.68 -5.63
CA SER B 817 23.32 4.02 -6.41
C SER B 817 22.97 4.40 -7.84
N SER B 818 23.73 5.34 -8.32
CA SER B 818 23.62 5.74 -9.71
C SER B 818 24.67 5.20 -10.68
N THR B 819 25.70 4.55 -10.19
CA THR B 819 26.73 4.09 -11.07
C THR B 819 26.60 2.62 -11.36
N VAL B 820 25.44 2.09 -11.09
CA VAL B 820 25.19 0.71 -11.39
C VAL B 820 23.96 0.62 -12.25
N ILE B 821 24.12 0.02 -13.39
CA ILE B 821 23.02 -0.30 -14.24
C ILE B 821 22.44 -1.60 -13.73
N ARG B 822 21.14 -1.63 -13.56
CA ARG B 822 20.39 -2.83 -13.29
C ARG B 822 20.27 -3.63 -14.56
N ILE B 823 20.34 -4.93 -14.45
CA ILE B 823 19.87 -5.79 -15.48
C ILE B 823 19.00 -6.82 -14.78
N GLN B 824 17.71 -6.65 -14.94
CA GLN B 824 16.76 -7.33 -14.13
C GLN B 824 15.58 -7.73 -14.98
N PRO B 825 15.82 -8.64 -16.02
CA PRO B 825 14.66 -8.87 -16.89
C PRO B 825 13.64 -9.89 -16.41
N PRO B 826 12.49 -9.95 -17.21
CA PRO B 826 11.55 -11.01 -16.83
C PRO B 826 12.22 -12.37 -16.90
N LEU B 827 11.91 -13.25 -16.00
CA LEU B 827 12.56 -14.53 -15.93
C LEU B 827 12.29 -15.39 -17.16
N ILE B 828 11.33 -15.00 -17.98
CA ILE B 828 11.07 -15.68 -19.21
C ILE B 828 12.00 -15.27 -20.34
N ILE B 829 13.00 -14.49 -20.06
CA ILE B 829 13.99 -14.15 -21.06
C ILE B 829 14.64 -15.35 -21.71
N SER B 830 14.91 -15.23 -23.00
CA SER B 830 15.50 -16.32 -23.76
C SER B 830 16.97 -16.16 -24.00
N LYS B 831 17.63 -17.22 -24.40
CA LYS B 831 19.03 -17.13 -24.77
C LYS B 831 19.22 -16.10 -25.84
N ALA B 832 18.41 -16.15 -26.87
CA ALA B 832 18.47 -15.17 -27.91
C ALA B 832 18.31 -13.71 -27.48
N GLU B 833 17.41 -13.45 -26.58
CA GLU B 833 17.18 -12.11 -26.12
C GLU B 833 18.43 -11.71 -25.39
N ILE B 834 18.95 -12.58 -24.56
CA ILE B 834 20.20 -12.32 -23.91
C ILE B 834 21.33 -12.04 -24.88
N ASP B 835 21.52 -12.86 -25.90
CA ASP B 835 22.53 -12.57 -26.92
C ASP B 835 22.34 -11.20 -27.54
N ARG B 836 21.13 -10.83 -27.87
CA ARG B 836 20.86 -9.59 -28.54
C ARG B 836 21.35 -8.47 -27.67
N PHE B 837 21.22 -8.61 -26.37
CA PHE B 837 21.52 -7.56 -25.45
C PHE B 837 23.01 -7.49 -25.16
N VAL B 838 23.65 -8.64 -25.16
CA VAL B 838 25.05 -8.72 -24.94
C VAL B 838 25.69 -8.02 -26.10
N GLY B 839 25.27 -8.38 -27.30
CA GLY B 839 25.73 -7.73 -28.47
C GLY B 839 25.56 -6.23 -28.44
N ALA B 840 24.40 -5.77 -28.05
CA ALA B 840 24.15 -4.36 -27.97
C ALA B 840 25.13 -3.73 -27.00
N PHE B 841 25.29 -4.34 -25.82
CA PHE B 841 26.15 -3.81 -24.79
C PHE B 841 27.60 -3.73 -25.24
N ALA B 842 28.02 -4.67 -26.05
CA ALA B 842 29.32 -4.61 -26.64
C ALA B 842 29.42 -3.41 -27.53
N THR B 843 28.46 -3.24 -28.44
CA THR B 843 28.49 -2.13 -29.39
C THR B 843 28.63 -0.82 -28.66
N VAL B 844 27.86 -0.65 -27.62
CA VAL B 844 27.86 0.59 -26.91
C VAL B 844 29.15 0.76 -26.17
N CYS B 845 29.67 -0.33 -25.64
CA CYS B 845 30.86 -0.28 -24.82
C CYS B 845 31.98 0.32 -25.60
N GLU B 846 32.04 -0.04 -26.86
CA GLU B 846 33.06 0.47 -27.71
C GLU B 846 32.89 1.94 -28.06
N GLU B 847 31.68 2.31 -28.40
CA GLU B 847 31.43 3.65 -28.89
C GLU B 847 31.56 4.63 -27.77
N LEU B 848 31.97 4.19 -26.60
CA LEU B 848 32.14 5.08 -25.48
C LEU B 848 33.56 4.96 -25.02
N SER B 849 34.28 4.10 -25.71
CA SER B 849 35.69 3.99 -25.55
C SER B 849 36.27 4.86 -26.63
N THR B 850 35.88 4.57 -27.86
CA THR B 850 36.24 5.41 -28.99
C THR B 850 36.01 6.87 -28.64
N PHE B 851 34.85 7.18 -28.09
CA PHE B 851 34.54 8.54 -27.71
C PHE B 851 35.27 8.92 -26.43
N LEU B 852 35.94 7.96 -25.83
CA LEU B 852 36.62 8.23 -24.59
C LEU B 852 38.08 8.35 -24.87
N ASP B 853 38.39 8.79 -26.07
CA ASP B 853 39.76 9.04 -26.41
C ASP B 853 40.05 10.52 -26.34
N LEU B 854 39.26 11.30 -27.05
CA LEU B 854 39.48 12.73 -27.11
C LEU B 854 39.25 13.38 -25.74
#